data_5QTO
#
_entry.id   5QTO
#
_cell.length_a   49.260
_cell.length_b   59.871
_cell.length_c   79.887
_cell.angle_alpha   79.470
_cell.angle_beta   81.460
_cell.angle_gamma   75.590
#
_symmetry.space_group_name_H-M   'P 1'
#
loop_
_entity.id
_entity.type
_entity.pdbx_description
1 polymer 'ADP-sugar pyrophosphatase'
2 non-polymer 'MAGNESIUM ION'
3 non-polymer 'CHLORIDE ION'
4 non-polymer 3-(difluoromethyl)-8-(trifluoromethyl)[1,2,4]triazolo[4,3-a]pyridine
5 non-polymer 1,2-ETHANEDIOL
6 water water
#
_entity_poly.entity_id   1
_entity_poly.type   'polypeptide(L)'
_entity_poly.pdbx_seq_one_letter_code
;SMESQEPTESSQNGKQYIISEELISEGKWVKLEKTTYMDPTGKTRTWESVKRTTRKEQTADGVAVIPVLQRTLHYECIVL
VKQFRPPMGGYCIEFPAGLIDDGETPEAAALRELEEETGYKGDIAECSPAVCMDPGLSNCTIHIVTVTINGDDAENARPK
PKPGDGEFVEVISLPKNDLLQRLDALVAEEHLTVDARVYSYALALKHAN
;
_entity_poly.pdbx_strand_id   A,B,C,D
#
loop_
_chem_comp.id
_chem_comp.type
_chem_comp.name
_chem_comp.formula
CL non-polymer 'CHLORIDE ION' 'Cl -1'
EDO non-polymer 1,2-ETHANEDIOL 'C2 H6 O2'
MG non-polymer 'MAGNESIUM ION' 'Mg 2'
PWG non-polymer 3-(difluoromethyl)-8-(trifluoromethyl)[1,2,4]triazolo[4,3-a]pyridine 'C8 H4 F5 N3'
#
# COMPACT_ATOMS: atom_id res chain seq x y z
N LYS A 15 -28.55 -34.64 12.97
CA LYS A 15 -29.88 -35.33 13.01
C LYS A 15 -30.92 -34.54 12.19
N GLN A 16 -30.56 -33.40 11.61
CA GLN A 16 -31.47 -32.60 10.74
C GLN A 16 -31.35 -33.01 9.28
N TYR A 17 -32.46 -32.94 8.54
CA TYR A 17 -32.54 -33.36 7.12
C TYR A 17 -33.75 -32.71 6.47
N ILE A 18 -33.73 -32.72 5.14
CA ILE A 18 -34.82 -32.16 4.30
C ILE A 18 -35.92 -33.21 4.29
N ILE A 19 -37.17 -32.79 4.48
CA ILE A 19 -38.38 -33.65 4.32
C ILE A 19 -38.97 -33.45 2.93
N SER A 20 -39.12 -32.21 2.47
CA SER A 20 -39.64 -31.95 1.11
C SER A 20 -39.21 -30.55 0.68
N GLU A 21 -39.24 -30.31 -0.64
CA GLU A 21 -38.90 -29.02 -1.29
C GLU A 21 -40.05 -28.73 -2.28
N GLU A 22 -40.90 -27.76 -1.96
CA GLU A 22 -42.10 -27.39 -2.74
C GLU A 22 -41.73 -26.16 -3.57
N LEU A 23 -41.85 -26.24 -4.89
CA LEU A 23 -41.58 -25.08 -5.76
C LEU A 23 -42.63 -24.01 -5.41
N ILE A 24 -42.20 -22.78 -5.16
CA ILE A 24 -43.10 -21.61 -4.99
C ILE A 24 -43.17 -20.84 -6.31
N SER A 25 -42.03 -20.57 -6.92
CA SER A 25 -41.93 -19.72 -8.13
C SER A 25 -40.64 -20.04 -8.87
N GLU A 26 -40.72 -20.35 -10.17
CA GLU A 26 -39.56 -20.71 -11.02
C GLU A 26 -39.45 -19.66 -12.14
N GLY A 27 -38.37 -18.89 -12.15
CA GLY A 27 -37.94 -18.06 -13.28
C GLY A 27 -37.09 -18.86 -14.26
N LYS A 28 -36.46 -18.17 -15.20
CA LYS A 28 -35.56 -18.79 -16.22
C LYS A 28 -34.22 -19.15 -15.58
N TRP A 29 -33.83 -18.45 -14.50
CA TRP A 29 -32.46 -18.50 -13.89
C TRP A 29 -32.49 -18.82 -12.39
N VAL A 30 -33.55 -18.41 -11.68
CA VAL A 30 -33.70 -18.59 -10.19
C VAL A 30 -35.10 -19.11 -9.87
N LYS A 31 -35.22 -19.92 -8.81
CA LYS A 31 -36.49 -20.31 -8.20
C LYS A 31 -36.46 -20.13 -6.68
N LEU A 32 -37.65 -19.95 -6.12
CA LEU A 32 -37.95 -19.90 -4.67
C LEU A 32 -38.70 -21.19 -4.30
N GLU A 33 -38.27 -21.85 -3.24
CA GLU A 33 -38.81 -23.15 -2.79
C GLU A 33 -39.23 -22.99 -1.33
N LYS A 34 -40.30 -23.69 -0.94
CA LYS A 34 -40.67 -23.89 0.48
C LYS A 34 -40.00 -25.18 0.92
N THR A 35 -39.03 -25.08 1.81
CA THR A 35 -38.22 -26.22 2.27
C THR A 35 -38.85 -26.69 3.58
N THR A 36 -39.20 -27.96 3.66
CA THR A 36 -39.64 -28.63 4.90
C THR A 36 -38.50 -29.51 5.37
N TYR A 37 -38.14 -29.35 6.64
CA TYR A 37 -37.01 -30.07 7.25
C TYR A 37 -37.33 -30.45 8.70
N MET A 38 -36.60 -31.46 9.16
CA MET A 38 -36.65 -31.95 10.55
C MET A 38 -35.66 -31.15 11.41
N ASP A 39 -36.13 -30.59 12.52
CA ASP A 39 -35.26 -29.86 13.49
C ASP A 39 -34.73 -30.89 14.49
N PRO A 40 -33.68 -30.56 15.26
CA PRO A 40 -33.01 -31.57 16.07
C PRO A 40 -33.76 -31.98 17.35
N THR A 41 -34.95 -31.39 17.59
CA THR A 41 -35.91 -31.80 18.66
C THR A 41 -36.91 -32.83 18.11
N GLY A 42 -36.84 -33.15 16.81
CA GLY A 42 -37.74 -34.11 16.12
C GLY A 42 -38.99 -33.43 15.57
N LYS A 43 -38.97 -32.10 15.46
CA LYS A 43 -40.10 -31.23 15.04
C LYS A 43 -39.89 -30.70 13.61
N THR A 44 -40.92 -30.84 12.77
CA THR A 44 -41.06 -30.30 11.40
C THR A 44 -41.02 -28.76 11.43
N ARG A 45 -40.16 -28.13 10.62
CA ARG A 45 -40.21 -26.66 10.33
C ARG A 45 -40.04 -26.39 8.82
N THR A 46 -40.30 -25.15 8.43
CA THR A 46 -40.18 -24.78 7.02
C THR A 46 -39.20 -23.61 6.90
N TRP A 47 -38.72 -23.40 5.68
CA TRP A 47 -37.75 -22.34 5.30
C TRP A 47 -38.09 -21.85 3.88
N GLU A 48 -37.73 -20.63 3.56
CA GLU A 48 -37.80 -20.10 2.19
C GLU A 48 -36.38 -20.19 1.59
N SER A 49 -36.20 -21.01 0.55
CA SER A 49 -34.88 -21.31 -0.02
C SER A 49 -34.84 -20.82 -1.46
N VAL A 50 -33.74 -20.19 -1.84
CA VAL A 50 -33.42 -19.74 -3.21
C VAL A 50 -32.50 -20.76 -3.85
N LYS A 51 -32.76 -21.12 -5.10
CA LYS A 51 -31.85 -21.96 -5.89
C LYS A 51 -31.76 -21.45 -7.33
N ARG A 52 -30.64 -21.74 -7.97
CA ARG A 52 -30.50 -21.51 -9.42
C ARG A 52 -31.17 -22.68 -10.16
N THR A 53 -31.65 -22.42 -11.38
CA THR A 53 -32.28 -23.41 -12.29
C THR A 53 -31.21 -24.02 -13.21
N THR A 54 -29.97 -23.53 -13.14
CA THR A 54 -28.91 -23.76 -14.16
C THR A 54 -27.95 -24.87 -13.72
N ARG A 55 -28.09 -25.44 -12.52
CA ARG A 55 -27.13 -26.43 -11.97
C ARG A 55 -27.50 -27.83 -12.47
N LYS A 56 -26.60 -28.46 -13.23
CA LYS A 56 -26.78 -29.81 -13.83
C LYS A 56 -25.91 -30.81 -13.05
N GLU A 57 -24.79 -31.24 -13.65
CA GLU A 57 -23.85 -32.23 -13.05
C GLU A 57 -22.61 -31.52 -12.50
N GLN A 58 -22.60 -30.18 -12.46
CA GLN A 58 -21.47 -29.38 -11.92
C GLN A 58 -21.36 -29.62 -10.41
N THR A 59 -20.14 -29.62 -9.88
CA THR A 59 -19.87 -29.79 -8.44
C THR A 59 -20.25 -28.50 -7.69
N ALA A 60 -20.51 -27.41 -8.43
CA ALA A 60 -20.92 -26.10 -7.90
C ALA A 60 -21.57 -25.30 -9.02
N ASP A 61 -22.33 -24.26 -8.67
CA ASP A 61 -22.89 -23.31 -9.65
C ASP A 61 -21.78 -22.61 -10.43
N GLY A 62 -20.75 -22.15 -9.72
CA GLY A 62 -19.79 -21.20 -10.27
C GLY A 62 -18.39 -21.38 -9.77
N VAL A 63 -17.55 -20.48 -10.21
CA VAL A 63 -16.16 -20.33 -9.73
C VAL A 63 -15.97 -18.85 -9.46
N ALA A 64 -15.17 -18.57 -8.47
CA ALA A 64 -14.53 -17.25 -8.31
C ALA A 64 -13.01 -17.49 -8.35
N VAL A 65 -12.30 -16.56 -8.95
CA VAL A 65 -10.85 -16.69 -9.21
C VAL A 65 -10.10 -15.70 -8.31
N ILE A 66 -9.12 -16.20 -7.58
CA ILE A 66 -8.16 -15.33 -6.83
C ILE A 66 -6.92 -15.25 -7.70
N PRO A 67 -6.83 -14.20 -8.55
CA PRO A 67 -5.79 -14.10 -9.56
C PRO A 67 -4.62 -13.26 -9.01
N VAL A 68 -3.49 -13.90 -8.71
CA VAL A 68 -2.28 -13.23 -8.16
C VAL A 68 -1.36 -12.86 -9.32
N LEU A 69 -1.33 -11.58 -9.67
CA LEU A 69 -0.52 -11.11 -10.79
C LEU A 69 0.91 -10.95 -10.28
N GLN A 70 1.84 -11.73 -10.84
CA GLN A 70 3.28 -11.80 -10.40
C GLN A 70 4.12 -11.23 -11.54
N ARG A 71 4.94 -10.22 -11.24
CA ARG A 71 5.86 -9.59 -12.21
C ARG A 71 7.16 -9.23 -11.52
N THR A 72 8.28 -9.49 -12.20
CA THR A 72 9.62 -9.23 -11.62
C THR A 72 9.68 -7.75 -11.23
N LEU A 73 10.12 -7.47 -10.01
CA LEU A 73 10.37 -6.08 -9.51
C LEU A 73 9.03 -5.34 -9.44
N HIS A 74 7.92 -6.08 -9.29
CA HIS A 74 6.60 -5.54 -8.84
C HIS A 74 6.14 -6.29 -7.57
N TYR A 75 5.39 -5.60 -6.71
CA TYR A 75 4.66 -6.24 -5.60
C TYR A 75 3.52 -7.08 -6.23
N GLU A 76 3.18 -8.23 -5.67
CA GLU A 76 2.09 -9.09 -6.20
C GLU A 76 0.81 -8.26 -6.19
N CYS A 77 0.02 -8.29 -7.26
CA CYS A 77 -1.33 -7.65 -7.25
C CYS A 77 -2.41 -8.72 -7.20
N ILE A 78 -3.57 -8.38 -6.64
CA ILE A 78 -4.80 -9.19 -6.72
C ILE A 78 -5.61 -8.52 -7.81
N VAL A 79 -6.02 -9.29 -8.82
CA VAL A 79 -6.77 -8.74 -9.98
C VAL A 79 -8.26 -8.86 -9.63
N LEU A 80 -8.96 -7.72 -9.66
CA LEU A 80 -10.38 -7.60 -9.29
C LEU A 80 -11.15 -7.05 -10.48
N VAL A 81 -12.45 -7.24 -10.50
CA VAL A 81 -13.31 -6.73 -11.60
C VAL A 81 -14.42 -5.88 -10.99
N LYS A 82 -14.82 -4.85 -11.72
CA LYS A 82 -15.88 -3.88 -11.35
C LYS A 82 -16.95 -3.96 -12.44
N GLN A 83 -18.19 -4.20 -12.03
CA GLN A 83 -19.31 -4.51 -12.94
C GLN A 83 -20.55 -3.92 -12.34
N PHE A 84 -21.50 -3.56 -13.18
CA PHE A 84 -22.88 -3.29 -12.72
C PHE A 84 -23.55 -4.64 -12.43
N ARG A 85 -24.14 -4.73 -11.26
CA ARG A 85 -24.90 -5.90 -10.77
C ARG A 85 -26.33 -5.45 -10.59
N PRO A 86 -27.24 -5.86 -11.50
CA PRO A 86 -28.64 -5.49 -11.36
C PRO A 86 -29.24 -5.82 -9.99
N PRO A 87 -29.03 -7.02 -9.40
CA PRO A 87 -29.59 -7.30 -8.08
C PRO A 87 -29.27 -6.25 -7.00
N MET A 88 -28.09 -5.66 -7.10
CA MET A 88 -27.56 -4.65 -6.14
C MET A 88 -27.96 -3.24 -6.56
N GLY A 89 -28.38 -3.03 -7.81
CA GLY A 89 -28.66 -1.69 -8.36
C GLY A 89 -27.42 -0.79 -8.37
N GLY A 90 -26.23 -1.31 -8.66
CA GLY A 90 -24.98 -0.55 -8.51
C GLY A 90 -23.75 -1.35 -8.90
N TYR A 91 -22.59 -0.69 -8.85
CA TYR A 91 -21.29 -1.26 -9.25
C TYR A 91 -20.70 -2.01 -8.06
N CYS A 92 -20.15 -3.18 -8.34
CA CYS A 92 -19.56 -4.04 -7.28
C CYS A 92 -18.13 -4.36 -7.67
N ILE A 93 -17.27 -4.48 -6.66
CA ILE A 93 -15.86 -4.94 -6.88
C ILE A 93 -15.76 -6.37 -6.39
N GLU A 94 -15.39 -7.27 -7.30
CA GLU A 94 -15.40 -8.72 -7.01
C GLU A 94 -14.12 -9.39 -7.61
N PHE A 95 -13.77 -10.55 -7.10
CA PHE A 95 -12.99 -11.58 -7.83
C PHE A 95 -13.68 -11.85 -9.16
N PRO A 96 -12.92 -12.02 -10.26
CA PRO A 96 -13.44 -12.59 -11.50
C PRO A 96 -14.16 -13.92 -11.18
N ALA A 97 -15.29 -14.16 -11.83
CA ALA A 97 -16.25 -15.22 -11.46
C ALA A 97 -17.20 -15.46 -12.61
N GLY A 98 -17.68 -16.69 -12.72
CA GLY A 98 -18.78 -17.00 -13.64
C GLY A 98 -19.33 -18.35 -13.35
N LEU A 99 -20.45 -18.67 -13.98
CA LEU A 99 -21.09 -19.99 -13.79
C LEU A 99 -20.24 -21.05 -14.51
N ILE A 100 -20.24 -22.29 -14.03
CA ILE A 100 -19.51 -23.39 -14.70
C ILE A 100 -20.41 -23.90 -15.84
N ASP A 101 -19.90 -23.99 -17.05
CA ASP A 101 -20.67 -24.53 -18.21
C ASP A 101 -20.85 -26.03 -18.00
N ASP A 102 -21.94 -26.60 -18.54
CA ASP A 102 -22.23 -28.07 -18.50
C ASP A 102 -20.96 -28.79 -19.01
N GLY A 103 -20.37 -29.67 -18.22
CA GLY A 103 -19.24 -30.53 -18.63
C GLY A 103 -17.92 -29.82 -18.45
N GLU A 104 -17.93 -28.56 -18.03
CA GLU A 104 -16.69 -27.79 -17.78
C GLU A 104 -16.20 -28.13 -16.38
N THR A 105 -14.90 -28.24 -16.20
CA THR A 105 -14.27 -28.41 -14.87
C THR A 105 -14.23 -27.03 -14.19
N PRO A 106 -14.19 -27.00 -12.85
CA PRO A 106 -14.04 -25.73 -12.11
C PRO A 106 -12.74 -25.03 -12.57
N GLU A 107 -11.65 -25.77 -12.73
CA GLU A 107 -10.34 -25.19 -13.14
C GLU A 107 -10.43 -24.56 -14.52
N ALA A 108 -11.01 -25.24 -15.49
CA ALA A 108 -11.22 -24.70 -16.87
C ALA A 108 -12.14 -23.46 -16.84
N ALA A 109 -13.26 -23.51 -16.11
CA ALA A 109 -14.19 -22.38 -15.91
C ALA A 109 -13.40 -21.17 -15.37
N ALA A 110 -12.58 -21.35 -14.34
CA ALA A 110 -11.78 -20.27 -13.68
C ALA A 110 -10.82 -19.65 -14.68
N LEU A 111 -10.02 -20.47 -15.36
CA LEU A 111 -9.09 -19.91 -16.38
C LEU A 111 -9.89 -19.24 -17.48
N ARG A 112 -11.04 -19.78 -17.89
CA ARG A 112 -11.80 -19.18 -19.02
C ARG A 112 -12.39 -17.84 -18.57
N GLU A 113 -13.12 -17.84 -17.46
CA GLU A 113 -13.73 -16.61 -16.87
C GLU A 113 -12.65 -15.56 -16.61
N LEU A 114 -11.49 -15.95 -16.05
CA LEU A 114 -10.38 -15.00 -15.84
C LEU A 114 -9.99 -14.39 -17.17
N GLU A 115 -9.80 -15.19 -18.24
CA GLU A 115 -9.37 -14.59 -19.53
C GLU A 115 -10.50 -13.73 -20.08
N GLU A 116 -11.74 -14.19 -20.03
CA GLU A 116 -12.89 -13.42 -20.62
C GLU A 116 -13.04 -12.07 -19.90
N GLU A 117 -12.90 -12.08 -18.58
CA GLU A 117 -13.23 -10.88 -17.75
C GLU A 117 -12.02 -9.93 -17.68
N THR A 118 -10.78 -10.41 -17.71
CA THR A 118 -9.59 -9.56 -17.48
C THR A 118 -8.63 -9.55 -18.67
N GLY A 119 -8.68 -10.54 -19.55
CA GLY A 119 -7.67 -10.65 -20.63
C GLY A 119 -6.49 -11.52 -20.23
N TYR A 120 -6.29 -11.74 -18.94
CA TYR A 120 -5.11 -12.46 -18.40
C TYR A 120 -5.28 -13.97 -18.55
N LYS A 121 -4.16 -14.60 -18.95
CA LYS A 121 -4.02 -16.06 -19.03
C LYS A 121 -3.28 -16.54 -17.79
N GLY A 122 -3.99 -17.22 -16.93
CA GLY A 122 -3.51 -17.65 -15.63
C GLY A 122 -2.95 -19.05 -15.66
N ASP A 123 -2.33 -19.45 -14.56
CA ASP A 123 -1.85 -20.84 -14.27
C ASP A 123 -2.51 -21.29 -12.98
N ILE A 124 -3.22 -22.43 -13.00
CA ILE A 124 -3.89 -22.97 -11.78
C ILE A 124 -2.86 -23.06 -10.64
N ALA A 125 -3.22 -22.66 -9.42
CA ALA A 125 -2.41 -22.91 -8.21
C ALA A 125 -3.15 -23.89 -7.33
N GLU A 126 -4.43 -23.64 -7.05
CA GLU A 126 -5.22 -24.49 -6.14
C GLU A 126 -6.71 -24.27 -6.41
N CYS A 127 -7.51 -25.22 -6.00
CA CYS A 127 -8.97 -25.25 -6.23
C CYS A 127 -9.68 -25.74 -4.97
N SER A 128 -10.54 -24.89 -4.38
CA SER A 128 -11.29 -25.23 -3.15
C SER A 128 -12.29 -26.34 -3.45
N PRO A 129 -12.76 -27.07 -2.42
CA PRO A 129 -14.07 -27.74 -2.51
C PRO A 129 -15.18 -26.69 -2.77
N ALA A 130 -16.36 -27.16 -3.17
CA ALA A 130 -17.59 -26.36 -3.30
C ALA A 130 -17.86 -25.65 -1.96
N VAL A 131 -17.92 -24.33 -1.98
CA VAL A 131 -18.19 -23.50 -0.77
C VAL A 131 -19.47 -22.69 -1.00
N CYS A 132 -20.24 -22.42 0.07
CA CYS A 132 -21.62 -21.86 0.03
C CYS A 132 -21.53 -20.34 -0.01
N MET A 133 -22.32 -19.73 -0.88
CA MET A 133 -22.38 -18.28 -1.09
C MET A 133 -23.20 -17.58 0.00
N ASP A 134 -24.28 -18.17 0.48
CA ASP A 134 -25.21 -17.45 1.40
C ASP A 134 -26.17 -18.50 1.93
N PRO A 135 -25.65 -19.39 2.80
CA PRO A 135 -26.30 -20.68 3.03
C PRO A 135 -27.59 -20.56 3.87
N GLY A 136 -27.76 -19.45 4.59
CA GLY A 136 -29.04 -19.12 5.25
C GLY A 136 -30.13 -18.81 4.25
N LEU A 137 -29.78 -18.65 2.98
CA LEU A 137 -30.75 -18.14 1.97
C LEU A 137 -30.79 -19.04 0.73
N SER A 138 -29.63 -19.39 0.18
CA SER A 138 -29.51 -20.10 -1.11
C SER A 138 -28.70 -21.40 -0.98
N ASN A 139 -28.84 -22.29 -1.96
CA ASN A 139 -27.97 -23.50 -2.11
C ASN A 139 -26.78 -23.13 -2.98
N CYS A 140 -26.59 -21.88 -3.35
CA CYS A 140 -25.53 -21.52 -4.32
C CYS A 140 -24.16 -21.83 -3.77
N THR A 141 -23.33 -22.43 -4.62
CA THR A 141 -21.95 -22.85 -4.30
C THR A 141 -21.03 -22.42 -5.44
N ILE A 142 -19.78 -22.19 -5.06
CA ILE A 142 -18.66 -21.94 -6.01
C ILE A 142 -17.48 -22.79 -5.61
N HIS A 143 -16.55 -23.01 -6.54
CA HIS A 143 -15.13 -23.32 -6.21
C HIS A 143 -14.38 -21.99 -6.23
N ILE A 144 -13.55 -21.79 -5.22
CA ILE A 144 -12.60 -20.66 -5.21
C ILE A 144 -11.29 -21.19 -5.77
N VAL A 145 -10.92 -20.68 -6.93
CA VAL A 145 -9.74 -21.19 -7.66
C VAL A 145 -8.67 -20.13 -7.57
N THR A 146 -7.53 -20.47 -6.98
CA THR A 146 -6.34 -19.57 -6.91
C THR A 146 -5.53 -19.85 -8.17
N VAL A 147 -5.20 -18.78 -8.87
CA VAL A 147 -4.47 -18.77 -10.16
C VAL A 147 -3.37 -17.74 -10.01
N THR A 148 -2.17 -18.05 -10.47
CA THR A 148 -1.06 -17.07 -10.62
C THR A 148 -1.04 -16.66 -12.08
N ILE A 149 -0.85 -15.37 -12.32
CA ILE A 149 -0.69 -14.80 -13.67
C ILE A 149 0.78 -14.37 -13.78
N ASN A 150 1.46 -14.88 -14.80
CA ASN A 150 2.85 -14.50 -15.10
C ASN A 150 2.76 -13.20 -15.90
N GLY A 151 2.89 -12.05 -15.22
CA GLY A 151 2.78 -10.75 -15.92
C GLY A 151 4.03 -10.44 -16.73
N ASP A 152 5.08 -11.26 -16.60
CA ASP A 152 6.30 -11.15 -17.46
C ASP A 152 6.06 -11.79 -18.84
N ASP A 153 5.19 -12.81 -18.94
CA ASP A 153 4.84 -13.43 -20.25
C ASP A 153 4.25 -12.39 -21.19
N ALA A 154 4.59 -12.44 -22.48
CA ALA A 154 4.14 -11.48 -23.53
C ALA A 154 2.62 -11.63 -23.73
N GLU A 155 2.08 -12.85 -23.54
CA GLU A 155 0.62 -13.14 -23.56
C GLU A 155 -0.12 -12.18 -22.62
N ASN A 156 0.50 -11.79 -21.50
CA ASN A 156 -0.17 -11.03 -20.41
C ASN A 156 0.31 -9.58 -20.40
N ALA A 157 0.81 -9.07 -21.53
CA ALA A 157 1.44 -7.74 -21.63
C ALA A 157 0.36 -6.65 -21.72
N ARG A 158 -0.44 -6.61 -22.78
CA ARG A 158 -1.51 -5.60 -22.97
C ARG A 158 -2.85 -6.31 -22.99
N PRO A 159 -3.24 -7.04 -21.92
CA PRO A 159 -4.31 -8.04 -21.97
C PRO A 159 -5.69 -7.43 -22.28
N LYS A 160 -6.45 -8.03 -23.21
CA LYS A 160 -7.76 -7.50 -23.69
C LYS A 160 -8.91 -8.36 -23.16
N PRO A 161 -9.79 -7.86 -22.25
CA PRO A 161 -11.02 -8.58 -21.91
C PRO A 161 -11.80 -8.99 -23.17
N LYS A 162 -12.34 -10.22 -23.19
CA LYS A 162 -13.31 -10.72 -24.19
C LYS A 162 -14.66 -10.84 -23.48
N PRO A 163 -15.34 -9.71 -23.23
CA PRO A 163 -16.63 -9.75 -22.55
C PRO A 163 -17.68 -10.42 -23.44
N GLY A 164 -18.46 -11.34 -22.85
CA GLY A 164 -19.62 -11.98 -23.52
C GLY A 164 -20.68 -10.96 -23.83
N ASP A 165 -21.82 -11.42 -24.35
CA ASP A 165 -23.00 -10.56 -24.68
C ASP A 165 -23.56 -9.97 -23.38
N GLY A 166 -23.73 -8.64 -23.30
CA GLY A 166 -24.28 -7.98 -22.11
C GLY A 166 -23.35 -8.08 -20.89
N GLU A 167 -22.04 -8.26 -21.14
CA GLU A 167 -20.96 -8.29 -20.12
C GLU A 167 -20.14 -7.01 -20.33
N PHE A 168 -19.96 -6.21 -19.27
CA PHE A 168 -19.13 -4.98 -19.29
C PHE A 168 -18.33 -4.92 -18.00
N VAL A 169 -17.06 -5.28 -18.10
CA VAL A 169 -16.18 -5.48 -16.91
C VAL A 169 -14.99 -4.53 -17.03
N GLU A 170 -14.67 -3.84 -15.93
CA GLU A 170 -13.44 -3.02 -15.74
C GLU A 170 -12.49 -3.84 -14.85
N VAL A 171 -11.19 -3.83 -15.16
CA VAL A 171 -10.16 -4.58 -14.39
C VAL A 171 -9.50 -3.64 -13.38
N ILE A 172 -9.39 -4.08 -12.14
CA ILE A 172 -8.72 -3.27 -11.08
C ILE A 172 -7.72 -4.18 -10.38
N SER A 173 -6.45 -3.93 -10.61
CA SER A 173 -5.33 -4.69 -9.96
C SER A 173 -4.79 -3.92 -8.78
N LEU A 174 -4.81 -4.51 -7.59
CA LEU A 174 -4.39 -3.81 -6.35
C LEU A 174 -3.33 -4.61 -5.63
N PRO A 175 -2.30 -3.94 -5.04
CA PRO A 175 -1.22 -4.63 -4.36
C PRO A 175 -1.76 -5.42 -3.19
N LYS A 176 -1.40 -6.70 -3.18
CA LYS A 176 -1.75 -7.64 -2.10
C LYS A 176 -1.34 -7.06 -0.74
N ASN A 177 -0.20 -6.35 -0.69
CA ASN A 177 0.44 -5.88 0.56
C ASN A 177 -0.31 -4.66 1.10
N ASP A 178 -1.23 -4.06 0.33
CA ASP A 178 -2.06 -2.88 0.76
C ASP A 178 -3.54 -3.08 0.39
N LEU A 179 -4.02 -4.32 0.23
CA LEU A 179 -5.32 -4.54 -0.46
C LEU A 179 -6.46 -3.84 0.30
N LEU A 180 -6.57 -4.03 1.61
CA LEU A 180 -7.72 -3.52 2.38
C LEU A 180 -7.74 -1.98 2.29
N GLN A 181 -6.61 -1.30 2.45
CA GLN A 181 -6.60 0.18 2.44
C GLN A 181 -6.92 0.63 1.01
N ARG A 182 -6.49 -0.12 0.02
CA ARG A 182 -6.73 0.26 -1.39
C ARG A 182 -8.23 0.14 -1.72
N LEU A 183 -8.89 -0.90 -1.22
CA LEU A 183 -10.36 -1.09 -1.34
C LEU A 183 -11.10 0.03 -0.58
N ASP A 184 -10.76 0.26 0.68
CA ASP A 184 -11.31 1.37 1.52
C ASP A 184 -11.20 2.67 0.71
N ALA A 185 -10.06 2.97 0.09
CA ALA A 185 -9.91 4.22 -0.70
C ALA A 185 -10.86 4.23 -1.91
N LEU A 186 -11.09 3.09 -2.57
CA LEU A 186 -12.01 3.06 -3.75
C LEU A 186 -13.44 3.33 -3.30
N VAL A 187 -13.85 2.72 -2.19
CA VAL A 187 -15.18 2.90 -1.54
C VAL A 187 -15.32 4.34 -1.06
N ALA A 188 -14.25 4.98 -0.57
CA ALA A 188 -14.37 6.40 -0.11
C ALA A 188 -14.58 7.35 -1.30
N GLU A 189 -14.21 6.97 -2.54
CA GLU A 189 -14.12 7.90 -3.70
C GLU A 189 -15.32 7.83 -4.67
N GLU A 190 -16.03 6.69 -4.73
CA GLU A 190 -17.29 6.53 -5.51
C GLU A 190 -18.26 5.61 -4.76
N HIS A 191 -19.53 5.59 -5.19
CA HIS A 191 -20.58 4.67 -4.69
C HIS A 191 -20.34 3.29 -5.32
N LEU A 192 -19.84 2.34 -4.54
CA LEU A 192 -19.68 0.95 -5.02
C LEU A 192 -19.64 0.06 -3.78
N THR A 193 -19.87 -1.22 -4.00
CA THR A 193 -19.90 -2.22 -2.93
C THR A 193 -18.74 -3.16 -3.19
N VAL A 194 -18.00 -3.48 -2.14
CA VAL A 194 -16.98 -4.53 -2.23
C VAL A 194 -17.69 -5.84 -1.90
N ASP A 195 -17.36 -6.87 -2.64
CA ASP A 195 -17.84 -8.24 -2.36
C ASP A 195 -17.30 -8.72 -1.01
N ALA A 196 -18.12 -9.44 -0.29
CA ALA A 196 -17.79 -10.02 1.02
C ALA A 196 -16.59 -10.98 0.99
N ARG A 197 -16.39 -11.70 -0.11
CA ARG A 197 -15.24 -12.64 -0.19
C ARG A 197 -13.95 -11.83 -0.40
N VAL A 198 -13.99 -10.82 -1.24
CA VAL A 198 -12.83 -9.92 -1.42
C VAL A 198 -12.51 -9.26 -0.09
N TYR A 199 -13.51 -8.86 0.69
CA TYR A 199 -13.26 -8.08 1.93
C TYR A 199 -12.67 -9.01 2.97
N SER A 200 -13.12 -10.25 2.95
CA SER A 200 -12.69 -11.27 3.92
C SER A 200 -11.22 -11.60 3.65
N TYR A 201 -10.88 -11.74 2.37
CA TYR A 201 -9.50 -11.98 1.88
C TYR A 201 -8.61 -10.77 2.24
N ALA A 202 -9.00 -9.53 1.92
CA ALA A 202 -8.21 -8.33 2.34
C ALA A 202 -8.07 -8.27 3.88
N LEU A 203 -9.10 -8.58 4.65
CA LEU A 203 -8.99 -8.57 6.14
C LEU A 203 -7.92 -9.57 6.59
N ALA A 204 -7.97 -10.83 6.10
CA ALA A 204 -7.01 -11.87 6.51
C ALA A 204 -5.58 -11.43 6.12
N LEU A 205 -5.36 -10.76 4.99
CA LEU A 205 -3.99 -10.29 4.64
C LEU A 205 -3.52 -9.33 5.75
N LYS A 206 -4.39 -8.47 6.25
CA LYS A 206 -4.06 -7.50 7.33
C LYS A 206 -3.80 -8.28 8.62
N HIS A 207 -4.67 -9.22 8.98
CA HIS A 207 -4.61 -9.96 10.27
C HIS A 207 -3.39 -10.90 10.29
N ALA A 208 -2.90 -11.36 9.13
CA ALA A 208 -1.64 -12.12 9.07
C ALA A 208 -0.49 -11.12 9.24
N LYS B 15 -23.10 4.99 -16.26
CA LYS B 15 -23.46 4.40 -17.58
C LYS B 15 -24.65 3.45 -17.39
N GLN B 16 -24.64 2.57 -16.37
CA GLN B 16 -25.72 1.56 -16.16
C GLN B 16 -26.57 1.92 -14.93
N TYR B 17 -27.84 1.53 -14.93
CA TYR B 17 -28.77 1.88 -13.84
C TYR B 17 -30.04 1.06 -13.97
N ILE B 18 -30.83 1.03 -12.89
CA ILE B 18 -32.13 0.32 -12.83
C ILE B 18 -33.18 1.24 -13.47
N ILE B 19 -34.05 0.67 -14.30
CA ILE B 19 -35.22 1.37 -14.89
C ILE B 19 -36.42 1.03 -14.02
N SER B 20 -36.70 -0.27 -13.82
CA SER B 20 -37.85 -0.76 -13.02
C SER B 20 -37.59 -2.16 -12.45
N GLU B 21 -38.29 -2.46 -11.38
CA GLU B 21 -38.31 -3.80 -10.75
C GLU B 21 -39.75 -4.28 -10.83
N GLU B 22 -39.96 -5.54 -11.16
CA GLU B 22 -41.30 -6.16 -11.15
C GLU B 22 -41.28 -7.32 -10.17
N LEU B 23 -42.20 -7.32 -9.22
CA LEU B 23 -42.40 -8.47 -8.30
C LEU B 23 -42.79 -9.72 -9.09
N ILE B 24 -42.05 -10.82 -8.93
CA ILE B 24 -42.44 -12.15 -9.50
C ILE B 24 -43.11 -12.96 -8.39
N SER B 25 -42.60 -12.86 -7.16
CA SER B 25 -43.07 -13.69 -6.03
C SER B 25 -42.45 -13.21 -4.71
N GLU B 26 -43.31 -13.02 -3.71
CA GLU B 26 -42.91 -12.52 -2.36
C GLU B 26 -43.33 -13.58 -1.37
N GLY B 27 -42.36 -14.12 -0.63
CA GLY B 27 -42.62 -14.92 0.57
C GLY B 27 -42.57 -14.03 1.79
N LYS B 28 -42.53 -14.62 2.96
CA LYS B 28 -42.44 -13.87 4.23
C LYS B 28 -41.05 -13.26 4.39
N TRP B 29 -39.99 -13.93 3.90
CA TRP B 29 -38.57 -13.59 4.19
C TRP B 29 -37.80 -13.21 2.92
N VAL B 30 -38.19 -13.76 1.76
CA VAL B 30 -37.45 -13.58 0.47
C VAL B 30 -38.44 -13.22 -0.64
N LYS B 31 -38.05 -12.38 -1.58
CA LYS B 31 -38.80 -12.19 -2.83
C LYS B 31 -37.91 -12.36 -4.06
N LEU B 32 -38.55 -12.67 -5.20
CA LEU B 32 -37.96 -12.80 -6.55
C LEU B 32 -38.47 -11.65 -7.40
N GLU B 33 -37.57 -10.84 -7.96
CA GLU B 33 -37.94 -9.67 -8.80
C GLU B 33 -37.39 -9.87 -10.20
N LYS B 34 -38.03 -9.24 -11.17
CA LYS B 34 -37.47 -9.11 -12.53
C LYS B 34 -37.05 -7.66 -12.70
N THR B 35 -35.75 -7.43 -12.86
CA THR B 35 -35.08 -6.12 -12.86
C THR B 35 -34.86 -5.73 -14.31
N THR B 36 -35.36 -4.57 -14.69
CA THR B 36 -35.03 -3.97 -16.01
C THR B 36 -33.92 -2.93 -15.81
N TYR B 37 -32.88 -2.98 -16.64
CA TYR B 37 -31.72 -2.08 -16.49
C TYR B 37 -31.20 -1.69 -17.87
N MET B 38 -30.50 -0.56 -17.90
CA MET B 38 -29.87 0.01 -19.10
C MET B 38 -28.45 -0.56 -19.17
N ASP B 39 -28.14 -1.30 -20.24
CA ASP B 39 -26.76 -1.77 -20.46
C ASP B 39 -25.99 -0.58 -21.03
N PRO B 40 -24.65 -0.55 -20.94
CA PRO B 40 -23.89 0.67 -21.21
C PRO B 40 -23.82 1.01 -22.70
N THR B 41 -24.36 0.15 -23.57
CA THR B 41 -24.59 0.45 -25.01
C THR B 41 -25.87 1.28 -25.19
N GLY B 42 -26.73 1.39 -24.18
CA GLY B 42 -28.07 2.01 -24.29
C GLY B 42 -29.16 0.98 -24.66
N LYS B 43 -28.87 -0.32 -24.53
CA LYS B 43 -29.87 -1.41 -24.71
C LYS B 43 -30.47 -1.78 -23.35
N THR B 44 -31.78 -1.97 -23.32
CA THR B 44 -32.60 -2.35 -22.14
C THR B 44 -32.49 -3.87 -21.97
N ARG B 45 -32.28 -4.34 -20.74
CA ARG B 45 -31.99 -5.76 -20.45
C ARG B 45 -32.68 -6.12 -19.15
N THR B 46 -32.96 -7.40 -18.91
CA THR B 46 -33.70 -7.89 -17.73
C THR B 46 -32.81 -8.86 -16.94
N TRP B 47 -33.04 -8.92 -15.64
CA TRP B 47 -32.26 -9.76 -14.69
C TRP B 47 -33.21 -10.32 -13.62
N GLU B 48 -33.02 -11.58 -13.23
CA GLU B 48 -33.79 -12.18 -12.14
C GLU B 48 -32.98 -11.94 -10.86
N SER B 49 -33.57 -11.22 -9.91
CA SER B 49 -32.93 -10.72 -8.67
C SER B 49 -33.68 -11.23 -7.46
N VAL B 50 -32.93 -11.71 -6.48
CA VAL B 50 -33.43 -12.11 -5.14
C VAL B 50 -33.21 -10.95 -4.18
N LYS B 51 -34.20 -10.63 -3.35
CA LYS B 51 -34.00 -9.71 -2.21
C LYS B 51 -34.65 -10.30 -0.96
N ARG B 52 -34.10 -9.95 0.20
CA ARG B 52 -34.82 -10.16 1.49
C ARG B 52 -35.97 -9.15 1.62
N THR B 53 -37.01 -9.52 2.35
CA THR B 53 -38.14 -8.62 2.68
C THR B 53 -37.93 -7.98 4.06
N THR B 54 -36.79 -8.22 4.70
CA THR B 54 -36.56 -7.91 6.15
C THR B 54 -35.76 -6.61 6.31
N ARG B 55 -35.08 -6.10 5.28
CA ARG B 55 -34.24 -4.90 5.46
C ARG B 55 -35.14 -3.69 5.66
N LYS B 56 -34.83 -2.84 6.66
CA LYS B 56 -35.62 -1.64 7.06
C LYS B 56 -34.81 -0.37 6.74
N GLN B 58 -31.52 0.07 8.06
CA GLN B 58 -30.40 -0.92 8.21
C GLN B 58 -29.29 -0.56 7.23
N THR B 59 -28.04 -0.57 7.70
CA THR B 59 -26.81 -0.37 6.89
C THR B 59 -26.60 -1.59 5.96
N ALA B 60 -27.17 -2.73 6.35
CA ALA B 60 -27.03 -4.03 5.67
C ALA B 60 -28.08 -5.00 6.25
N ASP B 61 -28.27 -6.15 5.61
CA ASP B 61 -29.19 -7.21 6.08
C ASP B 61 -28.65 -7.79 7.39
N GLY B 62 -27.36 -8.12 7.39
CA GLY B 62 -26.74 -9.03 8.39
C GLY B 62 -25.39 -8.50 8.87
N VAL B 63 -24.88 -9.14 9.89
CA VAL B 63 -23.46 -9.05 10.26
C VAL B 63 -22.90 -10.45 10.16
N ALA B 64 -21.61 -10.54 9.85
CA ALA B 64 -20.81 -11.75 10.10
C ALA B 64 -19.65 -11.36 11.03
N VAL B 65 -19.33 -12.21 11.98
CA VAL B 65 -18.34 -11.93 13.03
C VAL B 65 -17.12 -12.79 12.74
N ILE B 66 -15.99 -12.15 12.57
CA ILE B 66 -14.67 -12.84 12.63
C ILE B 66 -14.22 -12.84 14.10
N PRO B 67 -14.44 -13.92 14.86
CA PRO B 67 -14.13 -13.93 16.29
C PRO B 67 -12.74 -14.56 16.52
N VAL B 68 -11.78 -13.73 16.92
CA VAL B 68 -10.39 -14.15 17.28
C VAL B 68 -10.33 -14.44 18.78
N LEU B 69 -10.34 -15.73 19.12
CA LEU B 69 -10.19 -16.21 20.51
C LEU B 69 -8.70 -16.19 20.92
N GLN B 70 -8.35 -15.26 21.80
CA GLN B 70 -6.98 -15.03 22.32
C GLN B 70 -6.87 -15.60 23.72
N ARG B 71 -6.08 -16.67 23.90
CA ARG B 71 -5.73 -17.24 25.23
C ARG B 71 -4.21 -17.30 25.33
N THR B 72 -3.66 -16.81 26.43
CA THR B 72 -2.19 -16.83 26.68
C THR B 72 -1.72 -18.28 26.61
N LEU B 73 -0.55 -18.52 26.01
CA LEU B 73 0.11 -19.85 25.87
C LEU B 73 -0.71 -20.83 25.04
N HIS B 74 -1.58 -20.33 24.18
CA HIS B 74 -2.37 -21.15 23.22
C HIS B 74 -2.23 -20.50 21.87
N TYR B 75 -2.46 -21.25 20.79
CA TYR B 75 -2.64 -20.67 19.44
C TYR B 75 -3.86 -19.76 19.45
N GLU B 76 -3.77 -18.62 18.78
CA GLU B 76 -4.96 -17.81 18.46
C GLU B 76 -5.89 -18.68 17.61
N CYS B 77 -7.18 -18.71 17.96
CA CYS B 77 -8.20 -19.46 17.20
C CYS B 77 -9.19 -18.45 16.56
N ILE B 78 -9.78 -18.91 15.46
CA ILE B 78 -10.99 -18.30 14.84
C ILE B 78 -12.14 -19.19 15.29
N VAL B 79 -13.16 -18.56 15.85
CA VAL B 79 -14.37 -19.25 16.36
C VAL B 79 -15.41 -19.33 15.23
N LEU B 80 -15.82 -20.54 14.88
CA LEU B 80 -16.79 -20.74 13.77
C LEU B 80 -17.95 -21.56 14.30
N VAL B 81 -19.02 -21.60 13.51
CA VAL B 81 -20.26 -22.29 13.91
C VAL B 81 -20.63 -23.28 12.81
N LYS B 82 -21.20 -24.39 13.23
CA LYS B 82 -21.72 -25.47 12.38
C LYS B 82 -23.23 -25.55 12.67
N GLN B 83 -24.03 -25.56 11.63
CA GLN B 83 -25.51 -25.47 11.67
C GLN B 83 -26.06 -26.21 10.45
N PHE B 84 -27.26 -26.77 10.59
CA PHE B 84 -28.03 -27.28 9.44
C PHE B 84 -28.52 -26.05 8.66
N ARG B 85 -28.33 -26.03 7.35
CA ARG B 85 -28.83 -24.89 6.52
C ARG B 85 -29.86 -25.43 5.53
N PRO B 86 -31.16 -25.23 5.78
CA PRO B 86 -32.18 -25.80 4.90
C PRO B 86 -31.99 -25.50 3.42
N PRO B 87 -31.59 -24.30 2.97
CA PRO B 87 -31.31 -24.08 1.56
C PRO B 87 -30.21 -25.00 1.01
N MET B 88 -29.26 -25.38 1.85
CA MET B 88 -28.08 -26.19 1.43
C MET B 88 -28.45 -27.67 1.55
N GLY B 89 -29.46 -28.01 2.34
CA GLY B 89 -29.83 -29.40 2.63
C GLY B 89 -28.77 -30.11 3.44
N GLY B 90 -27.90 -29.37 4.13
CA GLY B 90 -26.83 -29.99 4.92
C GLY B 90 -26.18 -29.04 5.91
N TYR B 91 -25.14 -29.52 6.55
CA TYR B 91 -24.43 -28.75 7.60
C TYR B 91 -23.39 -27.86 6.92
N CYS B 92 -23.28 -26.63 7.40
CA CYS B 92 -22.29 -25.64 6.95
C CYS B 92 -21.44 -25.10 8.10
N ILE B 93 -20.18 -24.84 7.82
CA ILE B 93 -19.24 -24.12 8.73
C ILE B 93 -19.16 -22.66 8.28
N GLU B 94 -19.43 -21.74 9.21
CA GLU B 94 -19.62 -20.31 8.94
C GLU B 94 -19.03 -19.47 10.08
N PHE B 95 -18.75 -18.20 9.83
CA PHE B 95 -18.57 -17.19 10.88
C PHE B 95 -19.89 -17.05 11.63
N PRO B 96 -19.90 -16.80 12.95
CA PRO B 96 -21.14 -16.43 13.63
C PRO B 96 -21.75 -15.24 12.88
N ALA B 97 -23.08 -15.17 12.80
CA ALA B 97 -23.76 -14.25 11.89
C ALA B 97 -25.25 -14.26 12.15
N GLY B 98 -25.86 -13.12 11.93
CA GLY B 98 -27.32 -13.03 11.92
C GLY B 98 -27.77 -11.76 11.30
N LEU B 99 -29.09 -11.66 11.11
CA LEU B 99 -29.74 -10.40 10.65
C LEU B 99 -29.62 -9.35 11.75
N ILE B 100 -29.45 -8.10 11.36
CA ILE B 100 -29.45 -6.95 12.28
C ILE B 100 -30.92 -6.58 12.56
N ASP B 101 -31.30 -6.49 13.84
CA ASP B 101 -32.65 -6.07 14.30
C ASP B 101 -32.90 -4.61 13.94
N ASP B 102 -34.15 -4.22 13.61
CA ASP B 102 -34.52 -2.81 13.30
C ASP B 102 -33.99 -1.90 14.42
N GLY B 103 -33.25 -0.85 14.09
CA GLY B 103 -32.65 0.09 15.06
C GLY B 103 -31.42 -0.45 15.78
N GLU B 104 -30.93 -1.65 15.45
CA GLU B 104 -29.66 -2.21 16.03
C GLU B 104 -28.50 -1.69 15.17
N THR B 105 -27.38 -1.33 15.81
CA THR B 105 -26.10 -1.01 15.12
C THR B 105 -25.44 -2.31 14.67
N PRO B 106 -24.60 -2.28 13.59
CA PRO B 106 -23.84 -3.48 13.20
C PRO B 106 -22.97 -4.04 14.33
N GLU B 107 -22.29 -3.16 15.06
CA GLU B 107 -21.42 -3.56 16.22
C GLU B 107 -22.24 -4.29 17.29
N ALA B 108 -23.42 -3.78 17.65
CA ALA B 108 -24.26 -4.36 18.71
C ALA B 108 -24.75 -5.73 18.23
N ALA B 109 -25.14 -5.81 16.94
CA ALA B 109 -25.64 -7.05 16.31
C ALA B 109 -24.55 -8.12 16.42
N ALA B 110 -23.31 -7.72 16.17
CA ALA B 110 -22.10 -8.59 16.14
C ALA B 110 -21.87 -9.22 17.51
N LEU B 111 -21.82 -8.37 18.55
CA LEU B 111 -21.58 -8.87 19.93
C LEU B 111 -22.76 -9.73 20.36
N ARG B 112 -23.99 -9.35 19.99
CA ARG B 112 -25.21 -10.11 20.34
C ARG B 112 -25.17 -11.47 19.65
N GLU B 113 -25.00 -11.50 18.31
CA GLU B 113 -25.01 -12.77 17.53
C GLU B 113 -23.87 -13.64 18.06
N LEU B 114 -22.70 -13.06 18.29
CA LEU B 114 -21.53 -13.83 18.79
C LEU B 114 -21.89 -14.47 20.12
N GLU B 115 -22.50 -13.71 21.03
CA GLU B 115 -22.89 -14.28 22.34
C GLU B 115 -24.00 -15.32 22.19
N GLU B 116 -25.03 -15.06 21.39
CA GLU B 116 -26.14 -16.05 21.21
C GLU B 116 -25.59 -17.33 20.57
N GLU B 117 -24.67 -17.21 19.62
CA GLU B 117 -24.27 -18.38 18.80
C GLU B 117 -23.14 -19.13 19.51
N THR B 118 -22.28 -18.43 20.24
CA THR B 118 -21.04 -19.05 20.81
C THR B 118 -21.05 -19.00 22.35
N GLY B 119 -21.83 -18.09 22.94
CA GLY B 119 -21.70 -17.73 24.36
C GLY B 119 -20.43 -16.94 24.66
N TYR B 120 -19.63 -16.51 23.66
CA TYR B 120 -18.44 -15.66 23.93
C TYR B 120 -18.83 -14.18 23.95
N LYS B 121 -18.16 -13.45 24.87
CA LYS B 121 -18.26 -11.98 25.05
C LYS B 121 -16.98 -11.38 24.50
N GLY B 122 -17.12 -10.49 23.53
CA GLY B 122 -15.99 -10.03 22.73
C GLY B 122 -15.94 -8.53 22.70
N ASP B 123 -14.91 -7.99 22.07
CA ASP B 123 -14.65 -6.55 21.90
C ASP B 123 -14.54 -6.26 20.41
N ILE B 124 -15.18 -5.19 19.94
CA ILE B 124 -15.07 -4.75 18.53
C ILE B 124 -13.62 -4.36 18.28
N ALA B 125 -12.98 -4.90 17.24
CA ALA B 125 -11.68 -4.44 16.73
C ALA B 125 -11.94 -3.51 15.55
N GLU B 126 -12.71 -3.97 14.57
CA GLU B 126 -13.02 -3.14 13.38
C GLU B 126 -14.35 -3.65 12.77
N CYS B 127 -14.94 -2.85 11.90
CA CYS B 127 -16.27 -3.10 11.29
C CYS B 127 -16.19 -2.69 9.83
N SER B 128 -16.47 -3.59 8.88
CA SER B 128 -16.49 -3.27 7.43
C SER B 128 -17.63 -2.32 7.12
N PRO B 129 -17.57 -1.59 5.98
CA PRO B 129 -18.78 -1.15 5.30
C PRO B 129 -19.64 -2.33 4.83
N ALA B 130 -20.86 -2.01 4.37
CA ALA B 130 -21.76 -3.06 3.83
C ALA B 130 -21.03 -3.71 2.64
N VAL B 131 -20.94 -5.02 2.65
CA VAL B 131 -20.30 -5.82 1.55
C VAL B 131 -21.34 -6.82 1.04
N CYS B 132 -21.32 -7.11 -0.25
CA CYS B 132 -22.34 -7.94 -0.91
C CYS B 132 -22.07 -9.44 -0.72
N MET B 133 -23.13 -10.22 -0.60
CA MET B 133 -23.06 -11.68 -0.36
C MET B 133 -22.99 -12.43 -1.69
N ASP B 134 -23.77 -12.02 -2.70
CA ASP B 134 -23.79 -12.74 -3.99
C ASP B 134 -24.39 -11.82 -5.04
N PRO B 135 -23.66 -10.77 -5.48
CA PRO B 135 -24.31 -9.64 -6.15
C PRO B 135 -24.85 -9.97 -7.55
N GLY B 136 -24.41 -11.10 -8.13
CA GLY B 136 -24.97 -11.68 -9.35
C GLY B 136 -26.40 -12.18 -9.15
N LEU B 137 -26.84 -12.43 -7.93
CA LEU B 137 -28.16 -13.07 -7.71
C LEU B 137 -29.00 -12.22 -6.78
N SER B 138 -28.42 -11.68 -5.69
CA SER B 138 -29.14 -11.08 -4.53
C SER B 138 -28.61 -9.67 -4.25
N ASN B 139 -29.39 -8.86 -3.54
CA ASN B 139 -28.91 -7.54 -3.08
C ASN B 139 -28.41 -7.70 -1.65
N CYS B 140 -28.30 -8.93 -1.16
CA CYS B 140 -27.97 -9.19 0.26
C CYS B 140 -26.61 -8.62 0.61
N THR B 141 -26.54 -7.96 1.76
CA THR B 141 -25.30 -7.36 2.28
C THR B 141 -25.13 -7.67 3.77
N ILE B 142 -23.88 -7.59 4.21
CA ILE B 142 -23.50 -7.76 5.63
C ILE B 142 -22.43 -6.72 5.94
N HIS B 143 -22.26 -6.46 7.23
CA HIS B 143 -21.03 -5.88 7.81
C HIS B 143 -20.20 -7.04 8.32
N ILE B 144 -18.92 -7.11 7.93
CA ILE B 144 -17.98 -8.06 8.59
C ILE B 144 -17.36 -7.31 9.79
N VAL B 145 -17.43 -7.93 10.97
CA VAL B 145 -17.07 -7.28 12.25
C VAL B 145 -16.03 -8.19 12.90
N THR B 146 -14.80 -7.70 12.91
CA THR B 146 -13.66 -8.33 13.61
C THR B 146 -13.83 -8.02 15.08
N VAL B 147 -13.87 -9.08 15.86
CA VAL B 147 -14.06 -9.07 17.34
C VAL B 147 -12.91 -9.91 17.92
N THR B 148 -12.29 -9.45 19.00
CA THR B 148 -11.32 -10.29 19.77
C THR B 148 -12.07 -10.82 21.00
N ILE B 149 -11.74 -12.01 21.44
CA ILE B 149 -12.32 -12.63 22.66
C ILE B 149 -11.16 -12.90 23.61
N ASN B 150 -11.20 -12.25 24.77
CA ASN B 150 -10.22 -12.51 25.85
C ASN B 150 -10.63 -13.84 26.47
N GLY B 151 -10.07 -14.92 25.95
CA GLY B 151 -10.41 -16.28 26.43
C GLY B 151 -9.94 -16.53 27.85
N ASP B 152 -9.18 -15.61 28.45
CA ASP B 152 -8.62 -15.79 29.81
C ASP B 152 -9.53 -15.12 30.85
N ASP B 153 -10.41 -14.22 30.42
CA ASP B 153 -11.39 -13.52 31.29
C ASP B 153 -12.39 -14.56 31.79
N ALA B 154 -12.89 -14.39 33.02
CA ALA B 154 -13.83 -15.31 33.69
C ALA B 154 -15.13 -15.44 32.88
N GLU B 155 -15.59 -14.36 32.22
CA GLU B 155 -16.91 -14.38 31.54
C GLU B 155 -16.85 -15.35 30.34
N ASN B 156 -15.64 -15.69 29.87
CA ASN B 156 -15.40 -16.54 28.68
C ASN B 156 -14.86 -17.90 29.13
N ALA B 157 -14.87 -18.18 30.44
CA ALA B 157 -14.38 -19.47 30.99
C ALA B 157 -15.25 -20.61 30.45
N ARG B 158 -16.55 -20.58 30.73
CA ARG B 158 -17.53 -21.62 30.29
C ARG B 158 -18.57 -20.92 29.43
N PRO B 159 -18.29 -20.66 28.13
CA PRO B 159 -19.14 -19.78 27.32
C PRO B 159 -20.53 -20.40 27.11
N LYS B 160 -21.59 -19.66 27.49
CA LYS B 160 -23.00 -20.13 27.49
C LYS B 160 -23.69 -19.68 26.18
N PRO B 161 -23.79 -20.54 25.13
CA PRO B 161 -24.55 -20.19 23.91
C PRO B 161 -26.06 -20.05 24.18
N LYS B 162 -26.62 -18.85 23.96
CA LYS B 162 -28.07 -18.54 24.10
C LYS B 162 -28.73 -18.54 22.71
N PRO B 163 -29.21 -19.69 22.20
CA PRO B 163 -29.88 -19.73 20.89
C PRO B 163 -31.22 -18.97 20.84
N GLY B 164 -31.58 -18.41 19.69
CA GLY B 164 -32.98 -18.04 19.39
C GLY B 164 -33.87 -19.27 19.22
N ASP B 165 -35.19 -19.09 19.08
CA ASP B 165 -36.13 -20.17 18.72
C ASP B 165 -35.69 -20.82 17.39
N GLY B 166 -35.53 -22.14 17.37
CA GLY B 166 -35.22 -22.92 16.16
C GLY B 166 -33.72 -22.98 15.81
N GLU B 167 -32.89 -22.08 16.35
CA GLU B 167 -31.42 -22.11 16.13
C GLU B 167 -30.82 -23.31 16.88
N PHE B 168 -29.94 -24.05 16.21
CA PHE B 168 -29.18 -25.20 16.78
C PHE B 168 -27.75 -25.16 16.22
N VAL B 169 -26.83 -24.68 17.05
CA VAL B 169 -25.47 -24.24 16.63
C VAL B 169 -24.40 -24.99 17.44
N GLU B 170 -23.43 -25.60 16.75
CA GLU B 170 -22.22 -26.24 17.34
C GLU B 170 -21.07 -25.28 17.12
N VAL B 171 -20.22 -25.07 18.12
CA VAL B 171 -19.08 -24.13 18.03
C VAL B 171 -17.87 -24.96 17.61
N ILE B 172 -17.07 -24.43 16.71
CA ILE B 172 -15.82 -25.07 16.21
C ILE B 172 -14.75 -23.98 16.18
N SER B 173 -13.80 -24.04 17.13
CA SER B 173 -12.64 -23.14 17.24
C SER B 173 -11.45 -23.77 16.56
N LEU B 174 -10.85 -23.07 15.60
CA LEU B 174 -9.73 -23.60 14.83
C LEU B 174 -8.57 -22.64 14.95
N PRO B 175 -7.32 -23.16 15.10
CA PRO B 175 -6.15 -22.30 15.12
C PRO B 175 -6.07 -21.47 13.83
N LYS B 176 -5.88 -20.16 13.98
CA LYS B 176 -5.76 -19.17 12.89
C LYS B 176 -4.56 -19.53 11.99
N ASN B 177 -3.46 -20.01 12.59
CA ASN B 177 -2.18 -20.27 11.86
C ASN B 177 -2.30 -21.48 10.90
N ASP B 178 -3.28 -22.36 11.07
CA ASP B 178 -3.45 -23.55 10.21
C ASP B 178 -4.89 -23.63 9.67
N LEU B 179 -5.61 -22.50 9.62
CA LEU B 179 -7.08 -22.49 9.39
C LEU B 179 -7.40 -23.27 8.12
N LEU B 180 -6.79 -22.93 6.98
CA LEU B 180 -7.16 -23.58 5.69
C LEU B 180 -6.99 -25.10 5.75
N GLN B 181 -5.84 -25.61 6.20
CA GLN B 181 -5.61 -27.09 6.34
C GLN B 181 -6.69 -27.65 7.27
N ARG B 182 -7.03 -26.98 8.38
CA ARG B 182 -8.00 -27.56 9.34
C ARG B 182 -9.40 -27.65 8.69
N LEU B 183 -9.79 -26.64 7.89
CA LEU B 183 -11.11 -26.63 7.23
C LEU B 183 -11.14 -27.74 6.18
N ASP B 184 -10.07 -27.88 5.41
CA ASP B 184 -9.96 -28.94 4.37
C ASP B 184 -10.18 -30.31 5.04
N ALA B 185 -9.59 -30.52 6.21
CA ALA B 185 -9.74 -31.79 6.97
C ALA B 185 -11.22 -32.02 7.29
N LEU B 186 -11.90 -31.00 7.84
CA LEU B 186 -13.30 -31.16 8.28
C LEU B 186 -14.16 -31.57 7.08
N VAL B 187 -14.04 -30.84 5.98
CA VAL B 187 -14.76 -31.15 4.71
C VAL B 187 -14.46 -32.61 4.32
N ALA B 188 -13.20 -33.02 4.35
CA ALA B 188 -12.72 -34.36 3.97
C ALA B 188 -13.39 -35.46 4.84
N GLU B 189 -13.48 -35.23 6.15
CA GLU B 189 -13.88 -36.28 7.11
C GLU B 189 -15.39 -36.20 7.40
N GLU B 190 -15.96 -34.98 7.45
CA GLU B 190 -17.28 -34.68 8.07
C GLU B 190 -18.37 -34.41 7.03
N HIS B 191 -18.05 -34.44 5.72
CA HIS B 191 -18.93 -33.96 4.61
C HIS B 191 -19.74 -32.73 5.04
N LEU B 192 -19.04 -31.63 5.31
CA LEU B 192 -19.58 -30.29 5.61
C LEU B 192 -19.38 -29.36 4.40
N THR B 193 -20.14 -28.27 4.28
CA THR B 193 -19.81 -27.19 3.33
C THR B 193 -19.26 -26.00 4.11
N VAL B 194 -18.07 -25.55 3.72
CA VAL B 194 -17.43 -24.35 4.30
C VAL B 194 -18.04 -23.15 3.58
N ASP B 195 -18.36 -22.12 4.34
CA ASP B 195 -18.77 -20.81 3.82
C ASP B 195 -17.65 -20.17 3.00
N ALA B 196 -18.02 -19.44 1.95
CA ALA B 196 -17.10 -18.85 0.97
C ALA B 196 -16.24 -17.75 1.63
N ARG B 197 -16.83 -16.97 2.53
CA ARG B 197 -16.08 -15.89 3.23
C ARG B 197 -15.10 -16.54 4.23
N VAL B 198 -15.50 -17.60 4.94
CA VAL B 198 -14.55 -18.31 5.83
C VAL B 198 -13.39 -18.84 4.99
N TYR B 199 -13.68 -19.49 3.86
CA TYR B 199 -12.63 -20.09 3.00
C TYR B 199 -11.72 -18.99 2.43
N SER B 200 -12.28 -17.86 2.05
CA SER B 200 -11.53 -16.72 1.51
C SER B 200 -10.55 -16.14 2.52
N TYR B 201 -11.01 -15.90 3.75
CA TYR B 201 -10.19 -15.51 4.93
C TYR B 201 -9.04 -16.55 5.11
N ALA B 202 -9.36 -17.85 5.22
CA ALA B 202 -8.38 -18.94 5.45
C ALA B 202 -7.34 -18.97 4.32
N LEU B 203 -7.75 -18.75 3.05
CA LEU B 203 -6.81 -18.65 1.90
C LEU B 203 -5.83 -17.51 2.11
N ALA B 204 -6.31 -16.26 2.23
CA ALA B 204 -5.48 -15.05 2.45
C ALA B 204 -4.52 -15.23 3.65
N LEU B 205 -4.89 -15.94 4.72
CA LEU B 205 -3.96 -16.21 5.86
C LEU B 205 -2.75 -16.99 5.32
N LYS B 206 -2.98 -17.96 4.44
CA LYS B 206 -1.91 -18.72 3.74
C LYS B 206 -1.17 -17.84 2.72
N HIS B 207 -1.88 -17.07 1.90
CA HIS B 207 -1.27 -16.28 0.81
C HIS B 207 -0.45 -15.08 1.33
N ALA B 208 -0.72 -14.58 2.54
CA ALA B 208 0.02 -13.42 3.13
C ALA B 208 1.52 -13.74 3.12
N ASN B 209 1.85 -15.00 3.45
CA ASN B 209 3.08 -15.75 3.06
C ASN B 209 3.06 -16.06 1.55
N GLN C 16 19.37 -6.75 -12.94
CA GLN C 16 20.53 -6.54 -12.02
C GLN C 16 20.10 -6.89 -10.60
N TYR C 17 21.00 -7.50 -9.82
CA TYR C 17 20.75 -7.97 -8.43
C TYR C 17 22.08 -8.08 -7.68
N ILE C 18 22.00 -8.16 -6.35
CA ILE C 18 23.17 -8.22 -5.43
C ILE C 18 23.68 -9.67 -5.37
N ILE C 19 25.00 -9.85 -5.41
CA ILE C 19 25.67 -11.18 -5.28
C ILE C 19 26.22 -11.29 -3.84
N SER C 20 26.95 -10.30 -3.35
CA SER C 20 27.72 -10.42 -2.07
C SER C 20 28.09 -9.05 -1.50
N GLU C 21 27.95 -8.91 -0.18
CA GLU C 21 28.30 -7.72 0.64
C GLU C 21 29.54 -8.09 1.49
N GLU C 22 30.72 -7.63 1.06
CA GLU C 22 32.03 -7.93 1.68
C GLU C 22 32.47 -6.75 2.58
N LEU C 23 32.51 -6.98 3.90
CA LEU C 23 32.80 -5.98 4.96
C LEU C 23 34.26 -5.50 4.84
N ILE C 24 34.49 -4.17 4.76
CA ILE C 24 35.84 -3.52 4.58
C ILE C 24 36.25 -2.70 5.81
N SER C 25 35.36 -2.47 6.79
CA SER C 25 35.61 -1.70 8.04
C SER C 25 34.29 -1.38 8.76
N GLU C 26 34.30 -1.31 10.10
CA GLU C 26 33.08 -1.17 10.94
C GLU C 26 33.37 -0.39 12.22
N GLY C 27 32.79 0.82 12.36
CA GLY C 27 32.82 1.64 13.57
C GLY C 27 31.59 1.41 14.42
N LYS C 28 31.40 2.21 15.48
CA LYS C 28 30.25 2.13 16.41
C LYS C 28 28.98 2.74 15.79
N TRP C 29 29.10 3.48 14.67
CA TRP C 29 27.97 4.23 14.05
C TRP C 29 27.83 3.93 12.55
N VAL C 30 28.93 3.72 11.82
CA VAL C 30 28.91 3.51 10.33
C VAL C 30 29.91 2.39 9.97
N LYS C 31 29.73 1.78 8.79
CA LYS C 31 30.63 0.71 8.25
C LYS C 31 30.75 0.85 6.73
N LEU C 32 31.82 0.30 6.15
CA LEU C 32 32.11 0.36 4.69
C LEU C 32 32.11 -1.07 4.15
N GLU C 33 31.63 -1.31 2.91
CA GLU C 33 31.44 -2.67 2.34
C GLU C 33 31.80 -2.69 0.84
N LYS C 34 32.27 -3.84 0.35
CA LYS C 34 32.46 -4.13 -1.10
C LYS C 34 31.20 -4.85 -1.56
N THR C 35 30.60 -4.42 -2.66
CA THR C 35 29.25 -4.84 -3.12
C THR C 35 29.35 -5.38 -4.57
N THR C 36 29.39 -6.70 -4.72
CA THR C 36 29.50 -7.38 -6.04
C THR C 36 28.09 -7.65 -6.56
N TYR C 37 27.84 -7.33 -7.82
CA TYR C 37 26.48 -7.27 -8.44
C TYR C 37 26.58 -7.65 -9.93
N MET C 38 25.48 -8.16 -10.49
CA MET C 38 25.34 -8.47 -11.94
C MET C 38 24.78 -7.25 -12.67
N ASP C 39 25.35 -6.90 -13.82
CA ASP C 39 24.90 -5.74 -14.64
C ASP C 39 23.83 -6.23 -15.62
N PRO C 40 23.15 -5.30 -16.33
CA PRO C 40 22.08 -5.70 -17.24
C PRO C 40 22.51 -6.74 -18.28
N THR C 41 23.70 -6.56 -18.87
CA THR C 41 24.20 -7.40 -20.00
C THR C 41 24.61 -8.80 -19.50
N GLY C 42 25.07 -8.92 -18.24
CA GLY C 42 25.46 -10.20 -17.60
C GLY C 42 26.90 -10.19 -17.08
N LYS C 43 27.66 -9.10 -17.30
CA LYS C 43 28.99 -8.87 -16.68
C LYS C 43 28.84 -8.65 -15.17
N THR C 44 29.52 -9.50 -14.37
CA THR C 44 29.74 -9.31 -12.91
C THR C 44 30.54 -8.01 -12.76
N ARG C 45 30.24 -7.17 -11.74
CA ARG C 45 30.97 -5.90 -11.41
C ARG C 45 31.00 -5.71 -9.90
N THR C 46 31.58 -4.61 -9.43
CA THR C 46 31.84 -4.35 -7.97
C THR C 46 31.70 -2.84 -7.68
N TRP C 47 31.60 -2.51 -6.39
CA TRP C 47 31.23 -1.16 -5.88
C TRP C 47 31.57 -1.05 -4.39
N GLU C 48 32.00 0.14 -3.93
CA GLU C 48 32.24 0.45 -2.50
C GLU C 48 30.96 1.10 -1.93
N SER C 49 30.37 0.49 -0.91
CA SER C 49 29.03 0.85 -0.37
C SER C 49 29.16 1.22 1.10
N VAL C 50 28.45 2.27 1.54
CA VAL C 50 28.42 2.71 2.96
C VAL C 50 27.04 2.37 3.53
N LYS C 51 26.99 1.94 4.81
CA LYS C 51 25.75 1.63 5.55
C LYS C 51 25.98 1.98 7.03
N ARG C 52 24.97 2.48 7.74
CA ARG C 52 25.05 2.78 9.21
C ARG C 52 24.81 1.47 9.95
N THR C 53 25.15 1.41 11.24
CA THR C 53 25.09 0.20 12.10
C THR C 53 23.99 0.32 13.15
N THR C 54 23.00 1.21 12.92
CA THR C 54 22.00 1.63 13.95
C THR C 54 20.60 1.12 13.58
N ARG C 55 20.37 0.65 12.34
CA ARG C 55 19.02 0.30 11.79
C ARG C 55 18.61 -1.10 12.27
N LYS C 56 17.57 -1.18 13.13
CA LYS C 56 16.93 -2.44 13.63
C LYS C 56 15.71 -2.78 12.78
N GLN C 58 12.93 -1.14 11.48
CA GLN C 58 12.82 0.33 11.32
C GLN C 58 12.59 0.65 9.83
N THR C 59 11.64 1.54 9.54
CA THR C 59 11.20 1.85 8.15
C THR C 59 12.36 2.51 7.38
N ALA C 60 13.26 3.16 8.10
CA ALA C 60 14.40 3.93 7.55
C ALA C 60 15.35 4.30 8.68
N ASP C 61 16.53 4.76 8.32
CA ASP C 61 17.53 5.26 9.31
C ASP C 61 16.92 6.42 10.08
N GLY C 62 16.39 7.42 9.38
CA GLY C 62 16.06 8.69 10.06
C GLY C 62 14.75 9.30 9.57
N VAL C 63 14.44 10.48 10.10
CA VAL C 63 13.34 11.33 9.55
C VAL C 63 13.92 12.73 9.33
N ALA C 64 13.45 13.42 8.29
CA ALA C 64 13.64 14.86 8.07
C ALA C 64 12.25 15.48 8.14
N VAL C 65 12.13 16.61 8.83
CA VAL C 65 10.83 17.26 9.09
C VAL C 65 10.80 18.50 8.21
N ILE C 66 9.76 18.62 7.38
CA ILE C 66 9.46 19.89 6.70
C ILE C 66 8.45 20.64 7.58
N PRO C 67 8.92 21.57 8.45
CA PRO C 67 8.09 22.19 9.46
C PRO C 67 7.58 23.53 8.91
N VAL C 68 6.28 23.58 8.66
CA VAL C 68 5.62 24.76 8.06
C VAL C 68 4.95 25.50 9.21
N LEU C 69 5.54 26.63 9.52
CA LEU C 69 5.04 27.51 10.60
C LEU C 69 3.93 28.38 10.03
N GLN C 70 2.71 28.17 10.51
CA GLN C 70 1.46 28.76 10.04
C GLN C 70 0.96 29.76 11.09
N ARG C 71 0.67 30.98 10.64
CA ARG C 71 0.24 32.09 11.52
C ARG C 71 -0.86 32.88 10.81
N THR C 72 -1.89 33.26 11.55
CA THR C 72 -3.05 34.03 11.05
C THR C 72 -2.54 35.20 10.22
N LEU C 73 -1.52 35.90 10.70
CA LEU C 73 -1.18 37.25 10.18
C LEU C 73 -0.12 37.20 9.08
N HIS C 74 0.47 36.04 8.81
CA HIS C 74 1.75 35.96 8.07
C HIS C 74 1.72 34.90 6.97
N TYR C 75 2.59 35.09 6.00
CA TYR C 75 2.98 34.01 5.05
C TYR C 75 3.63 32.88 5.87
N GLU C 76 3.58 31.67 5.33
CA GLU C 76 4.16 30.48 6.02
C GLU C 76 5.68 30.66 6.04
N CYS C 77 6.31 30.11 7.07
CA CYS C 77 7.78 29.98 7.15
C CYS C 77 8.11 28.51 7.15
N ILE C 78 9.30 28.21 6.66
CA ILE C 78 9.90 26.85 6.82
C ILE C 78 10.91 27.00 7.96
N VAL C 79 10.84 26.10 8.95
CA VAL C 79 11.73 26.13 10.13
C VAL C 79 12.90 25.22 9.82
N LEU C 80 14.09 25.79 9.81
CA LEU C 80 15.32 25.06 9.50
C LEU C 80 16.20 25.14 10.75
N VAL C 81 17.25 24.32 10.79
CA VAL C 81 18.23 24.31 11.91
C VAL C 81 19.62 24.47 11.33
N LYS C 82 20.45 25.21 12.03
CA LYS C 82 21.88 25.38 11.72
C LYS C 82 22.66 24.67 12.83
N GLN C 83 23.59 23.83 12.45
CA GLN C 83 24.44 23.11 13.43
C GLN C 83 25.79 22.83 12.80
N PHE C 84 26.79 22.71 13.66
CA PHE C 84 28.14 22.24 13.27
C PHE C 84 28.03 20.76 12.94
N ARG C 85 28.56 20.36 11.78
CA ARG C 85 28.53 18.98 11.28
C ARG C 85 29.97 18.52 11.05
N PRO C 86 30.51 17.67 11.96
CA PRO C 86 31.90 17.21 11.87
C PRO C 86 32.32 16.71 10.50
N PRO C 87 31.51 15.84 9.84
CA PRO C 87 31.92 15.31 8.55
C PRO C 87 32.17 16.44 7.52
N MET C 88 31.45 17.55 7.63
CA MET C 88 31.54 18.73 6.71
C MET C 88 32.60 19.73 7.21
N GLY C 89 32.98 19.66 8.49
CA GLY C 89 33.95 20.58 9.13
C GLY C 89 33.38 21.99 9.18
N GLY C 90 32.07 22.12 9.32
CA GLY C 90 31.41 23.41 9.13
C GLY C 90 29.96 23.35 9.53
N TYR C 91 29.32 24.51 9.45
CA TYR C 91 27.91 24.66 9.80
C TYR C 91 27.10 24.36 8.56
N CYS C 92 25.97 23.70 8.80
CA CYS C 92 25.02 23.30 7.74
C CYS C 92 23.64 23.77 8.11
N ILE C 93 22.86 24.16 7.09
CA ILE C 93 21.43 24.54 7.22
C ILE C 93 20.62 23.35 6.70
N GLU C 94 19.71 22.86 7.50
CA GLU C 94 19.00 21.58 7.25
C GLU C 94 17.56 21.62 7.79
N PHE C 95 16.76 20.67 7.34
CA PHE C 95 15.47 20.35 7.99
C PHE C 95 15.85 19.73 9.33
N PRO C 96 15.08 20.05 10.39
CA PRO C 96 15.16 19.29 11.63
C PRO C 96 15.06 17.80 11.26
N ALA C 97 15.85 16.98 11.95
CA ALA C 97 16.07 15.58 11.55
C ALA C 97 16.79 14.83 12.67
N GLY C 98 16.49 13.54 12.77
CA GLY C 98 17.30 12.62 13.58
C GLY C 98 16.95 11.18 13.26
N LEU C 99 17.69 10.26 13.86
CA LEU C 99 17.46 8.80 13.71
C LEU C 99 16.17 8.44 14.44
N ILE C 100 15.37 7.54 13.84
CA ILE C 100 14.19 6.88 14.47
C ILE C 100 14.66 5.95 15.61
N ASP C 101 14.28 6.26 16.85
CA ASP C 101 14.50 5.42 18.07
C ASP C 101 13.84 4.03 17.90
N ASP C 102 14.11 3.13 18.85
CA ASP C 102 13.62 1.72 18.88
C ASP C 102 12.13 1.70 19.20
N GLY C 103 11.33 1.04 18.36
CA GLY C 103 9.87 0.94 18.54
C GLY C 103 9.13 2.17 18.03
N GLU C 104 9.87 3.18 17.52
CA GLU C 104 9.32 4.53 17.22
C GLU C 104 8.74 4.55 15.82
N THR C 105 7.54 5.09 15.67
CA THR C 105 7.01 5.40 14.32
C THR C 105 7.82 6.59 13.78
N PRO C 106 8.01 6.68 12.43
CA PRO C 106 8.59 7.87 11.82
C PRO C 106 7.81 9.11 12.27
N GLU C 107 6.47 9.02 12.34
CA GLU C 107 5.62 10.18 12.68
C GLU C 107 6.01 10.67 14.07
N ALA C 108 6.23 9.76 15.03
CA ALA C 108 6.56 10.09 16.43
C ALA C 108 7.97 10.69 16.48
N ALA C 109 8.91 10.03 15.81
CA ALA C 109 10.28 10.52 15.60
C ALA C 109 10.21 11.99 15.18
N ALA C 110 9.42 12.27 14.14
CA ALA C 110 9.31 13.59 13.49
C ALA C 110 8.91 14.63 14.54
N LEU C 111 7.85 14.38 15.34
CA LEU C 111 7.35 15.38 16.31
C LEU C 111 8.35 15.52 17.48
N ARG C 112 8.95 14.42 17.93
CA ARG C 112 10.03 14.43 18.95
C ARG C 112 11.24 15.25 18.45
N GLU C 113 11.77 14.95 17.27
CA GLU C 113 12.99 15.63 16.75
C GLU C 113 12.67 17.11 16.47
N LEU C 114 11.47 17.41 16.02
CA LEU C 114 11.08 18.83 15.78
C LEU C 114 11.06 19.56 17.14
N GLU C 115 10.41 18.97 18.14
CA GLU C 115 10.31 19.63 19.48
C GLU C 115 11.72 19.84 20.06
N GLU C 116 12.54 18.80 20.11
CA GLU C 116 13.91 18.82 20.69
C GLU C 116 14.78 19.90 20.04
N GLU C 117 14.71 20.04 18.70
CA GLU C 117 15.69 20.79 17.88
C GLU C 117 15.21 22.23 17.71
N THR C 118 13.90 22.46 17.78
CA THR C 118 13.31 23.81 17.54
C THR C 118 12.47 24.32 18.72
N GLY C 119 11.96 23.44 19.58
CA GLY C 119 10.98 23.79 20.61
C GLY C 119 9.56 23.86 20.09
N TYR C 120 9.30 23.76 18.77
CA TYR C 120 7.93 23.82 18.23
C TYR C 120 7.18 22.51 18.50
N LYS C 121 5.90 22.65 18.84
CA LYS C 121 4.95 21.51 18.90
C LYS C 121 4.12 21.53 17.60
N GLY C 122 4.21 20.48 16.79
CA GLY C 122 3.56 20.37 15.48
C GLY C 122 2.54 19.25 15.40
N ASP C 123 1.90 19.19 14.25
CA ASP C 123 0.85 18.22 13.85
C ASP C 123 1.35 17.57 12.54
N ILE C 124 1.33 16.24 12.46
CA ILE C 124 1.65 15.51 11.19
C ILE C 124 0.70 15.98 10.09
N ALA C 125 1.23 16.37 8.93
CA ALA C 125 0.44 16.58 7.70
C ALA C 125 0.55 15.36 6.78
N GLU C 126 1.76 14.88 6.54
CA GLU C 126 2.05 13.86 5.50
C GLU C 126 3.33 13.12 5.92
N CYS C 127 3.50 11.88 5.48
CA CYS C 127 4.73 11.11 5.74
C CYS C 127 5.11 10.40 4.44
N SER C 128 6.32 10.63 3.94
CA SER C 128 6.83 10.00 2.69
C SER C 128 7.09 8.54 2.96
N PRO C 129 7.23 7.72 1.91
CA PRO C 129 7.84 6.39 2.08
C PRO C 129 9.35 6.61 2.30
N ALA C 130 10.09 5.57 2.71
CA ALA C 130 11.58 5.59 2.79
C ALA C 130 12.17 6.07 1.46
N VAL C 131 12.93 7.18 1.51
CA VAL C 131 13.61 7.80 0.32
C VAL C 131 15.11 7.80 0.61
N CYS C 132 15.89 7.56 -0.44
CA CYS C 132 17.36 7.34 -0.33
C CYS C 132 18.07 8.71 -0.22
N MET C 133 19.08 8.78 0.63
CA MET C 133 19.89 10.01 0.87
C MET C 133 20.97 10.22 -0.21
N ASP C 134 21.71 9.17 -0.58
CA ASP C 134 22.84 9.28 -1.54
C ASP C 134 23.06 7.89 -2.11
N PRO C 135 22.19 7.44 -3.04
CA PRO C 135 22.06 6.00 -3.35
C PRO C 135 23.27 5.46 -4.13
N GLY C 136 23.96 6.35 -4.85
CA GLY C 136 25.28 6.11 -5.48
C GLY C 136 26.34 5.67 -4.48
N LEU C 137 26.11 5.80 -3.18
CA LEU C 137 27.20 5.71 -2.18
C LEU C 137 26.75 5.04 -0.88
N SER C 138 25.52 5.23 -0.44
CA SER C 138 25.07 4.62 0.83
C SER C 138 23.67 4.09 0.60
N ASN C 139 23.20 3.26 1.52
CA ASN C 139 21.82 2.72 1.54
C ASN C 139 21.00 3.54 2.54
N CYS C 140 21.48 4.72 2.90
CA CYS C 140 20.87 5.54 3.98
C CYS C 140 19.50 6.04 3.53
N THR C 141 18.48 5.87 4.37
CA THR C 141 17.08 6.23 4.03
C THR C 141 16.46 7.11 5.12
N ILE C 142 15.55 7.97 4.72
CA ILE C 142 14.68 8.70 5.67
C ILE C 142 13.23 8.62 5.22
N HIS C 143 12.31 8.93 6.14
CA HIS C 143 10.97 9.48 5.83
C HIS C 143 11.05 11.01 5.92
N ILE C 144 10.60 11.68 4.88
CA ILE C 144 10.34 13.13 4.89
C ILE C 144 8.91 13.30 5.40
N VAL C 145 8.80 13.85 6.60
CA VAL C 145 7.51 14.13 7.28
C VAL C 145 7.24 15.63 7.25
N THR C 146 6.17 16.02 6.54
CA THR C 146 5.60 17.38 6.55
C THR C 146 4.85 17.57 7.88
N VAL C 147 5.18 18.64 8.63
CA VAL C 147 4.56 18.93 9.96
C VAL C 147 4.07 20.37 9.92
N THR C 148 2.83 20.63 10.30
CA THR C 148 2.31 22.01 10.46
C THR C 148 2.55 22.43 11.90
N ILE C 149 2.99 23.66 12.10
CA ILE C 149 3.14 24.28 13.44
C ILE C 149 2.15 25.44 13.49
N ASN C 150 1.17 25.40 14.41
CA ASN C 150 0.30 26.55 14.73
C ASN C 150 1.15 27.57 15.51
N GLY C 151 1.65 28.57 14.81
CA GLY C 151 2.51 29.62 15.37
C GLY C 151 1.74 30.57 16.27
N ASP C 152 0.41 30.51 16.24
CA ASP C 152 -0.48 31.43 16.99
C ASP C 152 -0.94 30.79 18.30
N ASP C 153 -0.78 29.48 18.45
CA ASP C 153 -1.14 28.80 19.71
C ASP C 153 -0.16 29.26 20.79
N ALA C 154 -0.67 29.52 22.00
CA ALA C 154 0.12 30.02 23.14
C ALA C 154 1.25 29.02 23.40
N GLU C 155 0.97 27.72 23.37
CA GLU C 155 1.98 26.65 23.57
C GLU C 155 3.18 26.86 22.63
N ASN C 156 3.04 27.52 21.47
CA ASN C 156 4.20 27.75 20.56
C ASN C 156 4.72 29.19 20.67
N ALA C 157 4.30 29.97 21.67
CA ALA C 157 4.60 31.42 21.77
C ALA C 157 6.10 31.65 21.98
N ARG C 158 6.74 30.82 22.79
CA ARG C 158 8.17 31.01 23.15
C ARG C 158 8.85 29.65 22.98
N PRO C 159 9.07 29.20 21.73
CA PRO C 159 9.61 27.85 21.50
C PRO C 159 11.05 27.74 22.02
N LYS C 160 11.36 26.72 22.83
CA LYS C 160 12.71 26.50 23.42
C LYS C 160 13.22 25.13 23.00
N PRO C 161 14.24 25.04 22.12
CA PRO C 161 14.87 23.77 21.84
C PRO C 161 15.23 23.13 23.18
N LYS C 162 14.99 21.81 23.33
CA LYS C 162 15.51 20.98 24.44
C LYS C 162 16.35 19.88 23.81
N PRO C 163 17.59 20.18 23.35
CA PRO C 163 18.35 19.24 22.55
C PRO C 163 19.24 18.33 23.41
N GLY C 164 19.62 17.17 22.87
CA GLY C 164 20.49 16.19 23.55
C GLY C 164 21.78 16.84 24.05
N ASP C 165 22.39 16.22 25.06
CA ASP C 165 23.78 16.52 25.45
C ASP C 165 24.63 16.39 24.18
N GLY C 166 25.47 17.38 23.88
CA GLY C 166 26.29 17.38 22.65
C GLY C 166 25.58 17.91 21.40
N GLU C 167 24.24 18.08 21.42
CA GLU C 167 23.45 18.70 20.31
C GLU C 167 23.39 20.22 20.53
N PHE C 168 23.84 20.99 19.54
CA PHE C 168 23.95 22.46 19.59
C PHE C 168 23.28 22.99 18.32
N VAL C 169 22.03 23.41 18.45
CA VAL C 169 21.17 23.73 17.27
C VAL C 169 20.73 25.18 17.38
N GLU C 170 20.77 25.89 16.26
CA GLU C 170 20.23 27.26 16.14
C GLU C 170 19.07 27.18 15.16
N VAL C 171 17.97 27.83 15.48
CA VAL C 171 16.70 27.76 14.71
C VAL C 171 16.67 28.98 13.81
N ILE C 172 16.39 28.73 12.52
CA ILE C 172 16.22 29.73 11.43
C ILE C 172 14.86 29.44 10.76
N SER C 173 13.90 30.34 10.87
CA SER C 173 12.60 30.29 10.16
C SER C 173 12.63 31.23 8.98
N LEU C 174 12.44 30.71 7.77
CA LEU C 174 12.50 31.54 6.54
C LEU C 174 11.16 31.48 5.81
N PRO C 175 10.73 32.58 5.16
CA PRO C 175 9.45 32.58 4.46
C PRO C 175 9.46 31.58 3.31
N LYS C 176 8.42 30.75 3.23
CA LYS C 176 8.28 29.73 2.17
C LYS C 176 8.29 30.41 0.78
N ASN C 177 7.65 31.58 0.68
CA ASN C 177 7.43 32.31 -0.61
C ASN C 177 8.72 33.04 -1.01
N ASP C 178 9.79 32.89 -0.24
CA ASP C 178 11.09 33.49 -0.61
C ASP C 178 12.26 32.58 -0.21
N LEU C 179 12.08 31.25 -0.19
CA LEU C 179 13.04 30.36 0.53
C LEU C 179 14.43 30.46 -0.09
N LEU C 180 14.54 30.26 -1.41
CA LEU C 180 15.81 30.14 -2.14
C LEU C 180 16.64 31.43 -1.98
N GLN C 181 16.08 32.59 -2.34
CA GLN C 181 16.73 33.92 -2.14
C GLN C 181 17.19 34.06 -0.68
N ARG C 182 16.38 33.72 0.30
CA ARG C 182 16.77 33.87 1.73
C ARG C 182 17.92 32.92 2.07
N LEU C 183 17.94 31.68 1.53
CA LEU C 183 19.05 30.72 1.74
C LEU C 183 20.33 31.29 1.10
N ASP C 184 20.22 31.75 -0.14
CA ASP C 184 21.31 32.39 -0.90
C ASP C 184 21.90 33.52 -0.06
N ALA C 185 21.08 34.25 0.70
CA ALA C 185 21.51 35.44 1.48
C ALA C 185 22.21 35.02 2.77
N LEU C 186 21.87 33.86 3.35
CA LEU C 186 22.61 33.29 4.51
C LEU C 186 23.97 32.80 4.05
N VAL C 187 24.00 32.14 2.90
CA VAL C 187 25.21 31.57 2.23
C VAL C 187 26.15 32.73 1.90
N ALA C 188 25.61 33.92 1.60
CA ALA C 188 26.36 35.12 1.17
C ALA C 188 27.14 35.71 2.34
N GLU C 189 26.56 35.72 3.54
CA GLU C 189 27.10 36.42 4.74
C GLU C 189 28.07 35.53 5.52
N GLU C 190 28.10 34.20 5.28
CA GLU C 190 28.74 33.21 6.18
C GLU C 190 29.24 31.99 5.39
N HIS C 191 30.29 31.32 5.89
CA HIS C 191 30.66 29.94 5.50
C HIS C 191 29.63 28.99 6.12
N LEU C 192 28.55 28.71 5.39
CA LEU C 192 27.66 27.58 5.73
C LEU C 192 27.20 26.88 4.44
N THR C 193 26.83 25.61 4.58
CA THR C 193 26.36 24.74 3.47
C THR C 193 24.85 24.50 3.64
N VAL C 194 24.06 24.70 2.58
CA VAL C 194 22.62 24.31 2.59
C VAL C 194 22.53 22.79 2.31
N ASP C 195 21.69 22.09 3.04
CA ASP C 195 21.35 20.67 2.78
C ASP C 195 20.76 20.55 1.36
N ALA C 196 21.16 19.52 0.60
CA ALA C 196 20.61 19.21 -0.75
C ALA C 196 19.07 19.11 -0.77
N ARG C 197 18.45 18.49 0.22
CA ARG C 197 16.96 18.32 0.26
C ARG C 197 16.30 19.67 0.52
N VAL C 198 16.90 20.50 1.36
CA VAL C 198 16.40 21.87 1.58
C VAL C 198 16.44 22.65 0.26
N TYR C 199 17.59 22.65 -0.43
CA TYR C 199 17.79 23.40 -1.69
C TYR C 199 16.82 22.92 -2.77
N SER C 200 16.62 21.61 -2.91
CA SER C 200 15.69 20.98 -3.90
C SER C 200 14.27 21.49 -3.63
N TYR C 201 13.93 21.52 -2.35
CA TYR C 201 12.62 21.99 -1.87
C TYR C 201 12.49 23.46 -2.26
N ALA C 202 13.50 24.26 -1.94
CA ALA C 202 13.49 25.70 -2.29
C ALA C 202 13.36 25.92 -3.79
N LEU C 203 14.07 25.14 -4.61
CA LEU C 203 14.06 25.31 -6.10
C LEU C 203 12.62 25.05 -6.62
N ALA C 204 12.02 23.94 -6.23
CA ALA C 204 10.63 23.58 -6.60
C ALA C 204 9.66 24.69 -6.18
N LEU C 205 9.90 25.36 -5.04
CA LEU C 205 8.95 26.41 -4.60
C LEU C 205 9.02 27.53 -5.63
N LYS C 206 10.23 27.90 -6.04
CA LYS C 206 10.50 28.95 -7.05
C LYS C 206 9.91 28.54 -8.42
N HIS C 207 10.04 27.27 -8.78
CA HIS C 207 9.69 26.72 -10.13
C HIS C 207 8.19 26.41 -10.26
N ALA C 208 7.48 26.17 -9.16
CA ALA C 208 6.02 25.91 -9.22
C ALA C 208 5.33 27.15 -9.80
N LYS D 15 32.86 29.11 16.24
CA LYS D 15 32.60 28.77 17.68
C LYS D 15 33.00 27.32 17.94
N GLN D 16 32.59 26.36 17.07
CA GLN D 16 33.08 24.96 17.06
C GLN D 16 34.09 24.79 15.93
N TYR D 17 34.96 23.78 15.99
CA TYR D 17 35.99 23.53 14.94
C TYR D 17 36.51 22.11 15.01
N ILE D 18 37.12 21.69 13.91
CA ILE D 18 37.82 20.39 13.72
C ILE D 18 39.18 20.50 14.42
N ILE D 19 39.44 19.62 15.40
CA ILE D 19 40.75 19.49 16.11
C ILE D 19 41.65 18.57 15.28
N SER D 20 41.14 17.41 14.83
CA SER D 20 41.93 16.40 14.08
C SER D 20 41.04 15.44 13.25
N GLU D 21 41.63 14.83 12.23
CA GLU D 21 40.97 13.88 11.30
C GLU D 21 41.83 12.60 11.17
N GLU D 22 41.65 11.63 12.07
CA GLU D 22 42.34 10.30 12.05
C GLU D 22 41.65 9.41 11.01
N LEU D 23 42.36 9.07 9.92
CA LEU D 23 41.94 8.05 8.92
C LEU D 23 41.71 6.74 9.67
N ILE D 24 40.64 6.00 9.34
CA ILE D 24 40.37 4.65 9.95
C ILE D 24 40.47 3.54 8.89
N SER D 25 39.97 3.79 7.68
CA SER D 25 39.97 2.82 6.55
C SER D 25 39.73 3.55 5.22
N GLU D 26 40.53 3.23 4.19
CA GLU D 26 40.50 3.89 2.85
C GLU D 26 40.00 2.87 1.80
N GLY D 27 40.05 3.24 0.52
CA GLY D 27 39.52 2.46 -0.61
C GLY D 27 39.57 3.28 -1.89
N LYS D 28 39.30 2.65 -3.04
CA LYS D 28 39.45 3.27 -4.38
C LYS D 28 38.60 4.55 -4.48
N TRP D 29 37.40 4.56 -3.86
CA TRP D 29 36.34 5.58 -4.09
C TRP D 29 35.88 6.27 -2.80
N VAL D 30 36.02 5.62 -1.63
CA VAL D 30 35.40 6.06 -0.34
C VAL D 30 36.34 5.74 0.81
N LYS D 31 36.39 6.60 1.84
CA LYS D 31 37.22 6.40 3.06
C LYS D 31 36.40 6.78 4.30
N LEU D 32 36.80 6.26 5.47
CA LEU D 32 36.16 6.44 6.81
C LEU D 32 37.18 7.09 7.76
N GLU D 33 36.73 7.98 8.67
CA GLU D 33 37.61 8.75 9.59
C GLU D 33 36.95 8.87 10.96
N LYS D 34 37.76 8.83 12.03
CA LYS D 34 37.43 9.42 13.36
C LYS D 34 37.78 10.91 13.27
N THR D 35 36.79 11.76 13.54
CA THR D 35 36.88 13.24 13.53
C THR D 35 36.81 13.72 14.98
N THR D 36 37.81 14.46 15.45
CA THR D 36 37.79 15.13 16.77
C THR D 36 37.44 16.60 16.56
N TYR D 37 36.53 17.15 17.36
CA TYR D 37 36.07 18.54 17.19
C TYR D 37 35.81 19.10 18.59
N MET D 38 35.91 20.42 18.71
CA MET D 38 35.54 21.19 19.90
C MET D 38 34.08 21.60 19.78
N ASP D 39 33.26 21.23 20.76
CA ASP D 39 31.84 21.68 20.90
C ASP D 39 31.86 23.09 21.47
N PRO D 40 30.72 23.81 21.53
CA PRO D 40 30.75 25.22 21.94
C PRO D 40 31.02 25.39 23.45
N THR D 41 30.83 24.32 24.25
CA THR D 41 31.13 24.32 25.71
C THR D 41 32.65 24.51 25.90
N GLY D 42 33.45 23.97 24.97
CA GLY D 42 34.92 23.85 25.06
C GLY D 42 35.34 22.40 25.24
N LYS D 43 34.39 21.48 25.29
CA LYS D 43 34.59 20.01 25.38
C LYS D 43 35.01 19.42 24.02
N THR D 44 36.12 18.69 23.99
CA THR D 44 36.53 17.85 22.84
C THR D 44 35.51 16.70 22.71
N ARG D 45 35.10 16.36 21.47
CA ARG D 45 34.22 15.21 21.15
C ARG D 45 34.71 14.57 19.85
N THR D 46 34.22 13.36 19.55
CA THR D 46 34.61 12.53 18.38
C THR D 46 33.40 12.28 17.47
N TRP D 47 33.65 11.83 16.24
CA TRP D 47 32.61 11.59 15.20
C TRP D 47 33.16 10.67 14.11
N GLU D 48 32.37 9.70 13.65
CA GLU D 48 32.74 8.79 12.53
C GLU D 48 32.16 9.40 11.25
N SER D 49 33.04 9.74 10.30
CA SER D 49 32.74 10.55 9.09
C SER D 49 33.17 9.79 7.84
N VAL D 50 32.38 9.93 6.79
CA VAL D 50 32.58 9.27 5.48
C VAL D 50 33.00 10.37 4.51
N LYS D 51 34.04 10.16 3.71
CA LYS D 51 34.44 11.07 2.62
C LYS D 51 34.81 10.25 1.40
N ARG D 52 34.55 10.79 0.21
CA ARG D 52 35.02 10.26 -1.08
C ARG D 52 36.50 10.64 -1.24
N THR D 53 37.32 9.73 -1.80
CA THR D 53 38.78 9.88 -1.98
C THR D 53 39.06 10.42 -3.39
N THR D 54 38.02 10.81 -4.13
CA THR D 54 38.11 11.25 -5.55
C THR D 54 37.92 12.77 -5.62
N ARG D 55 37.77 13.44 -4.47
CA ARG D 55 37.59 14.91 -4.39
C ARG D 55 38.91 15.62 -4.67
N LYS D 56 38.96 16.46 -5.71
CA LYS D 56 40.17 17.21 -6.14
C LYS D 56 39.94 18.71 -5.94
N GLU D 57 41.02 19.44 -5.61
CA GLU D 57 41.04 20.91 -5.38
C GLU D 57 39.91 21.29 -4.41
N GLN D 58 39.17 22.36 -4.71
CA GLN D 58 37.91 22.76 -4.03
C GLN D 58 36.87 23.05 -5.11
N THR D 59 35.87 22.17 -5.27
CA THR D 59 34.96 22.12 -6.46
C THR D 59 33.53 21.70 -6.08
N ALA D 60 33.38 20.54 -5.42
CA ALA D 60 32.14 19.77 -5.18
C ALA D 60 32.29 18.40 -5.87
N ASP D 61 31.80 17.33 -5.26
CA ASP D 61 31.97 15.92 -5.75
C ASP D 61 31.17 15.73 -7.04
N GLY D 62 29.89 16.10 -7.05
CA GLY D 62 28.98 15.81 -8.17
C GLY D 62 28.11 16.97 -8.62
N VAL D 63 27.36 16.72 -9.69
CA VAL D 63 26.18 17.52 -10.11
C VAL D 63 24.95 16.61 -10.06
N ALA D 64 23.79 17.22 -9.82
CA ALA D 64 22.46 16.62 -10.04
C ALA D 64 21.74 17.60 -10.94
N VAL D 65 21.02 17.08 -11.93
CA VAL D 65 20.34 17.93 -12.94
C VAL D 65 18.83 17.79 -12.71
N ILE D 66 18.19 18.95 -12.63
CA ILE D 66 16.71 19.11 -12.66
C ILE D 66 16.36 19.50 -14.08
N PRO D 67 16.04 18.50 -14.94
CA PRO D 67 15.78 18.78 -16.35
C PRO D 67 14.29 19.02 -16.65
N VAL D 68 13.91 20.24 -17.06
CA VAL D 68 12.50 20.62 -17.38
C VAL D 68 12.28 20.55 -18.89
N LEU D 69 11.62 19.51 -19.39
CA LEU D 69 11.31 19.34 -20.84
C LEU D 69 10.14 20.27 -21.24
N GLN D 70 10.40 21.31 -22.05
CA GLN D 70 9.42 22.35 -22.46
C GLN D 70 9.09 22.31 -23.97
N ARG D 71 7.82 22.04 -24.33
CA ARG D 71 7.27 22.22 -25.70
C ARG D 71 6.10 23.21 -25.64
N THR D 72 6.05 24.18 -26.54
CA THR D 72 4.94 25.17 -26.63
C THR D 72 3.61 24.41 -26.76
N LEU D 73 2.55 24.88 -26.11
CA LEU D 73 1.18 24.27 -26.14
C LEU D 73 1.13 22.90 -25.44
N HIS D 74 2.10 22.54 -24.59
CA HIS D 74 2.07 21.28 -23.79
C HIS D 74 2.46 21.54 -22.32
N TYR D 75 2.18 20.57 -21.44
CA TYR D 75 2.60 20.53 -20.01
C TYR D 75 4.12 20.42 -19.97
N GLU D 76 4.78 20.95 -18.93
CA GLU D 76 6.22 20.69 -18.62
C GLU D 76 6.35 19.31 -18.01
N CYS D 77 7.43 18.59 -18.31
CA CYS D 77 7.78 17.28 -17.69
C CYS D 77 9.17 17.40 -17.08
N ILE D 78 9.40 16.59 -16.04
CA ILE D 78 10.68 16.52 -15.30
C ILE D 78 11.34 15.22 -15.72
N VAL D 79 12.51 15.32 -16.35
CA VAL D 79 13.19 14.13 -16.88
C VAL D 79 13.97 13.51 -15.73
N LEU D 80 13.53 12.35 -15.25
CA LEU D 80 14.20 11.53 -14.21
C LEU D 80 14.99 10.43 -14.91
N VAL D 81 15.69 9.59 -14.15
CA VAL D 81 16.36 8.38 -14.68
C VAL D 81 16.25 7.35 -13.59
N LYS D 82 16.04 6.07 -13.95
CA LYS D 82 16.12 4.92 -13.01
C LYS D 82 17.32 4.12 -13.44
N GLN D 83 17.95 3.53 -12.44
CA GLN D 83 19.14 2.69 -12.57
C GLN D 83 19.21 1.89 -11.28
N PHE D 84 19.92 0.77 -11.30
CA PHE D 84 20.24 -0.09 -10.13
C PHE D 84 21.37 0.60 -9.37
N ARG D 85 21.30 0.59 -8.04
CA ARG D 85 22.26 1.26 -7.12
C ARG D 85 22.79 0.21 -6.16
N PRO D 86 24.00 -0.32 -6.42
CA PRO D 86 24.58 -1.33 -5.57
C PRO D 86 24.47 -1.05 -4.08
N PRO D 87 24.71 0.19 -3.60
CA PRO D 87 24.58 0.45 -2.17
C PRO D 87 23.13 0.25 -1.67
N MET D 88 22.12 0.54 -2.52
CA MET D 88 20.68 0.44 -2.17
C MET D 88 20.18 -1.00 -2.42
N GLY D 89 20.96 -1.80 -3.13
CA GLY D 89 20.47 -3.14 -3.56
C GLY D 89 19.18 -3.04 -4.37
N GLY D 90 18.95 -1.96 -5.11
CA GLY D 90 17.68 -1.88 -5.83
C GLY D 90 17.71 -0.76 -6.81
N TYR D 91 16.65 -0.65 -7.61
CA TYR D 91 16.50 0.44 -8.61
C TYR D 91 16.09 1.70 -7.86
N CYS D 92 16.62 2.84 -8.31
CA CYS D 92 16.36 4.15 -7.68
C CYS D 92 15.94 5.08 -8.79
N ILE D 93 14.99 5.94 -8.47
CA ILE D 93 14.53 7.02 -9.38
C ILE D 93 15.22 8.28 -8.84
N GLU D 94 16.07 8.91 -9.66
CA GLU D 94 16.89 10.05 -9.21
C GLU D 94 16.84 11.10 -10.29
N PHE D 95 17.28 12.31 -9.96
CA PHE D 95 17.62 13.30 -11.00
C PHE D 95 18.86 12.74 -11.68
N PRO D 96 19.09 13.00 -12.98
CA PRO D 96 20.33 12.57 -13.62
C PRO D 96 21.47 13.24 -12.87
N ALA D 97 22.47 12.45 -12.47
CA ALA D 97 23.61 12.87 -11.63
C ALA D 97 24.91 12.30 -12.19
N GLY D 98 26.03 12.98 -11.93
CA GLY D 98 27.38 12.44 -12.15
C GLY D 98 28.46 13.13 -11.31
N LEU D 99 29.62 12.49 -11.12
CA LEU D 99 30.80 13.15 -10.49
C LEU D 99 31.37 14.14 -11.49
N ILE D 100 31.94 15.24 -11.01
CA ILE D 100 32.55 16.26 -11.90
C ILE D 100 33.95 15.72 -12.25
N ASP D 101 34.30 15.71 -13.54
CA ASP D 101 35.64 15.34 -14.08
C ASP D 101 36.62 16.45 -13.71
N ASP D 102 37.80 16.11 -13.17
CA ASP D 102 38.86 17.11 -12.81
C ASP D 102 39.00 18.09 -13.99
N GLY D 103 38.86 19.40 -13.73
CA GLY D 103 39.07 20.47 -14.73
C GLY D 103 37.77 20.97 -15.35
N GLU D 104 36.68 20.21 -15.24
CA GLU D 104 35.36 20.51 -15.86
C GLU D 104 34.53 21.36 -14.90
N THR D 105 33.87 22.42 -15.37
CA THR D 105 32.96 23.29 -14.57
C THR D 105 31.72 22.48 -14.19
N PRO D 106 31.00 22.80 -13.09
CA PRO D 106 29.74 22.13 -12.76
C PRO D 106 28.67 22.25 -13.87
N GLU D 107 28.48 23.44 -14.45
CA GLU D 107 27.53 23.66 -15.57
C GLU D 107 27.77 22.63 -16.67
N ALA D 108 29.00 22.59 -17.21
CA ALA D 108 29.35 21.78 -18.40
C ALA D 108 29.17 20.30 -18.03
N ALA D 109 29.41 19.94 -16.77
CA ALA D 109 29.22 18.54 -16.30
C ALA D 109 27.71 18.19 -16.30
N ALA D 110 26.84 19.15 -15.96
CA ALA D 110 25.38 18.92 -15.94
C ALA D 110 24.90 18.65 -17.38
N LEU D 111 25.17 19.57 -18.31
CA LEU D 111 24.77 19.40 -19.73
C LEU D 111 25.37 18.09 -20.28
N ARG D 112 26.57 17.72 -19.85
CA ARG D 112 27.23 16.49 -20.38
C ARG D 112 26.53 15.27 -19.81
N GLU D 113 26.38 15.21 -18.49
CA GLU D 113 25.75 14.07 -17.77
C GLU D 113 24.26 13.94 -18.17
N LEU D 114 23.55 15.05 -18.40
CA LEU D 114 22.12 15.00 -18.86
C LEU D 114 22.01 14.43 -20.29
N GLU D 115 22.82 14.96 -21.22
CA GLU D 115 22.93 14.44 -22.61
C GLU D 115 23.43 12.98 -22.58
N GLU D 116 24.40 12.67 -21.71
CA GLU D 116 24.87 11.27 -21.52
C GLU D 116 23.72 10.38 -21.05
N GLU D 117 22.97 10.76 -20.03
CA GLU D 117 22.03 9.82 -19.36
C GLU D 117 20.66 9.84 -20.04
N THR D 118 20.34 10.86 -20.83
CA THR D 118 18.97 11.08 -21.40
C THR D 118 19.01 11.39 -22.90
N GLY D 119 20.12 11.84 -23.45
CA GLY D 119 20.19 12.23 -24.87
C GLY D 119 19.82 13.69 -25.09
N TYR D 120 19.25 14.37 -24.09
CA TYR D 120 18.69 15.73 -24.28
C TYR D 120 19.82 16.77 -24.24
N LYS D 121 19.70 17.81 -25.06
CA LYS D 121 20.59 19.00 -25.09
C LYS D 121 19.88 20.12 -24.33
N GLY D 122 20.40 20.45 -23.15
CA GLY D 122 19.83 21.44 -22.20
C GLY D 122 20.39 22.83 -22.44
N ASP D 123 19.69 23.82 -21.89
CA ASP D 123 20.19 25.20 -21.69
C ASP D 123 20.22 25.42 -20.18
N ILE D 124 21.34 25.95 -19.64
CA ILE D 124 21.51 26.15 -18.17
C ILE D 124 20.56 27.26 -17.75
N ALA D 125 19.66 26.99 -16.80
CA ALA D 125 18.77 28.01 -16.20
C ALA D 125 19.45 28.58 -14.95
N GLU D 126 20.02 27.75 -14.10
CA GLU D 126 20.66 28.23 -12.83
C GLU D 126 21.51 27.09 -12.28
N CYS D 127 22.40 27.41 -11.33
CA CYS D 127 23.32 26.42 -10.71
C CYS D 127 23.47 26.78 -9.24
N SER D 128 23.23 25.82 -8.35
CA SER D 128 23.37 25.96 -6.87
C SER D 128 24.84 26.06 -6.51
N PRO D 129 25.19 26.66 -5.35
CA PRO D 129 26.52 26.45 -4.78
C PRO D 129 26.56 25.00 -4.28
N ALA D 130 27.68 24.54 -3.78
CA ALA D 130 27.83 23.16 -3.28
C ALA D 130 26.85 22.95 -2.12
N VAL D 131 26.08 21.86 -2.19
CA VAL D 131 25.07 21.54 -1.14
C VAL D 131 25.40 20.14 -0.62
N CYS D 132 25.19 19.90 0.67
CA CYS D 132 25.61 18.67 1.36
C CYS D 132 24.56 17.56 1.16
N MET D 133 25.04 16.36 0.89
CA MET D 133 24.19 15.19 0.54
C MET D 133 23.64 14.54 1.81
N ASP D 134 24.47 14.39 2.84
CA ASP D 134 24.05 13.79 4.14
C ASP D 134 25.04 14.26 5.20
N PRO D 135 24.94 15.51 5.70
CA PRO D 135 26.06 16.16 6.40
C PRO D 135 26.38 15.51 7.75
N GLY D 136 25.40 14.83 8.35
CA GLY D 136 25.54 14.10 9.61
C GLY D 136 26.42 12.85 9.47
N LEU D 137 26.77 12.47 8.24
CA LEU D 137 27.48 11.19 7.94
C LEU D 137 28.71 11.43 7.06
N SER D 138 28.59 12.25 6.03
CA SER D 138 29.55 12.36 4.91
C SER D 138 29.84 13.84 4.60
N ASN D 139 30.95 14.10 3.91
CA ASN D 139 31.33 15.49 3.53
C ASN D 139 30.84 15.69 2.10
N CYS D 140 30.09 14.72 1.57
CA CYS D 140 29.76 14.67 0.12
C CYS D 140 28.86 15.85 -0.25
N THR D 141 29.17 16.51 -1.36
CA THR D 141 28.46 17.72 -1.84
C THR D 141 28.20 17.58 -3.33
N ILE D 142 27.20 18.31 -3.82
CA ILE D 142 26.87 18.45 -5.26
C ILE D 142 26.45 19.89 -5.57
N HIS D 143 26.51 20.26 -6.84
CA HIS D 143 25.76 21.40 -7.39
C HIS D 143 24.46 20.80 -7.92
N ILE D 144 23.33 21.38 -7.52
CA ILE D 144 22.03 21.13 -8.22
C ILE D 144 21.96 22.12 -9.37
N VAL D 145 21.88 21.58 -10.59
CA VAL D 145 21.84 22.38 -11.84
C VAL D 145 20.46 22.21 -12.47
N THR D 146 19.74 23.33 -12.69
CA THR D 146 18.41 23.40 -13.32
C THR D 146 18.62 23.65 -14.82
N VAL D 147 18.10 22.75 -15.66
CA VAL D 147 18.36 22.73 -17.14
C VAL D 147 17.04 22.69 -17.90
N THR D 148 16.81 23.64 -18.80
CA THR D 148 15.59 23.68 -19.67
C THR D 148 15.94 23.02 -21.01
N ILE D 149 15.09 22.09 -21.43
CA ILE D 149 15.22 21.37 -22.72
C ILE D 149 14.21 21.99 -23.70
N ASN D 150 14.68 22.48 -24.84
CA ASN D 150 13.78 23.03 -25.89
C ASN D 150 13.27 21.85 -26.73
N GLY D 151 12.15 21.23 -26.32
CA GLY D 151 11.61 19.98 -26.90
C GLY D 151 11.05 20.17 -28.31
N ASP D 152 11.00 21.43 -28.79
CA ASP D 152 10.58 21.86 -30.16
C ASP D 152 11.76 21.84 -31.14
N ASP D 153 12.91 21.32 -30.72
CA ASP D 153 14.09 21.01 -31.57
C ASP D 153 14.03 19.52 -31.90
N GLU D 155 16.82 17.88 -32.57
CA GLU D 155 17.93 17.45 -31.67
C GLU D 155 17.28 16.84 -30.43
N ASN D 156 16.26 17.53 -29.88
CA ASN D 156 15.45 17.06 -28.73
C ASN D 156 14.11 16.48 -29.22
N ALA D 157 14.00 16.15 -30.51
CA ALA D 157 12.79 15.60 -31.14
C ALA D 157 12.51 14.19 -30.57
N ARG D 158 13.56 13.39 -30.38
CA ARG D 158 13.47 12.00 -29.85
C ARG D 158 14.89 11.46 -29.61
N PRO D 159 15.73 12.18 -28.84
CA PRO D 159 17.12 11.77 -28.62
C PRO D 159 17.25 10.45 -27.85
N LYS D 160 18.42 9.81 -27.96
CA LYS D 160 18.75 8.50 -27.31
C LYS D 160 20.00 8.66 -26.46
N PRO D 161 20.09 7.92 -25.33
CA PRO D 161 21.18 8.09 -24.38
C PRO D 161 22.51 7.43 -24.77
N LYS D 162 23.64 8.07 -24.45
CA LYS D 162 25.02 7.54 -24.69
C LYS D 162 25.70 7.18 -23.35
N PRO D 163 25.39 6.03 -22.73
CA PRO D 163 26.07 5.64 -21.49
C PRO D 163 27.56 5.30 -21.67
N GLY D 164 28.35 5.50 -20.60
CA GLY D 164 29.68 4.89 -20.43
C GLY D 164 29.56 3.40 -20.17
N ASP D 165 30.69 2.71 -20.00
CA ASP D 165 30.73 1.25 -19.70
C ASP D 165 30.17 1.10 -18.28
N GLY D 166 29.36 0.06 -18.04
CA GLY D 166 28.75 -0.21 -16.73
C GLY D 166 27.66 0.78 -16.35
N GLU D 167 27.21 1.65 -17.27
CA GLU D 167 26.11 2.64 -17.03
C GLU D 167 24.87 2.24 -17.84
N PHE D 168 23.81 1.82 -17.13
CA PHE D 168 22.50 1.36 -17.68
C PHE D 168 21.38 2.13 -16.95
N VAL D 169 20.71 3.04 -17.67
CA VAL D 169 19.78 4.05 -17.08
C VAL D 169 18.55 4.19 -17.99
N GLU D 170 17.34 4.02 -17.43
CA GLU D 170 16.04 4.32 -18.11
C GLU D 170 15.65 5.78 -17.85
N VAL D 171 15.31 6.52 -18.91
CA VAL D 171 14.70 7.87 -18.85
C VAL D 171 13.23 7.67 -18.43
N ILE D 172 12.81 8.29 -17.32
CA ILE D 172 11.39 8.32 -16.88
C ILE D 172 10.97 9.79 -16.86
N SER D 173 10.25 10.23 -17.88
CA SER D 173 9.76 11.62 -18.01
C SER D 173 8.38 11.71 -17.35
N LEU D 174 8.24 12.49 -16.27
CA LEU D 174 6.95 12.62 -15.52
C LEU D 174 6.37 14.02 -15.68
N PRO D 175 5.02 14.13 -15.56
CA PRO D 175 4.37 15.43 -15.61
C PRO D 175 4.87 16.13 -14.34
N LYS D 176 5.43 17.33 -14.50
CA LYS D 176 5.72 18.26 -13.40
C LYS D 176 4.46 18.43 -12.51
N ASN D 177 3.30 18.54 -13.16
CA ASN D 177 1.98 18.92 -12.57
C ASN D 177 1.48 17.82 -11.61
N ASP D 178 1.99 16.61 -11.69
CA ASP D 178 1.48 15.53 -10.82
C ASP D 178 2.67 14.71 -10.35
N LEU D 179 3.84 15.35 -10.26
CA LEU D 179 5.12 14.66 -9.95
C LEU D 179 4.98 13.80 -8.69
N LEU D 180 4.50 14.37 -7.58
CA LEU D 180 4.45 13.65 -6.29
C LEU D 180 3.53 12.43 -6.40
N GLN D 181 2.34 12.59 -7.00
CA GLN D 181 1.34 11.47 -7.08
C GLN D 181 1.97 10.31 -7.87
N ARG D 182 2.55 10.64 -9.01
CA ARG D 182 3.26 9.69 -9.92
C ARG D 182 4.40 8.98 -9.20
N LEU D 183 5.18 9.68 -8.37
CA LEU D 183 6.26 9.03 -7.59
C LEU D 183 5.63 8.08 -6.60
N ASP D 184 4.61 8.52 -5.87
CA ASP D 184 4.02 7.64 -4.82
C ASP D 184 3.44 6.39 -5.50
N ALA D 185 2.85 6.55 -6.70
CA ALA D 185 2.26 5.46 -7.53
C ALA D 185 3.35 4.44 -7.92
N LEU D 186 4.47 4.92 -8.49
CA LEU D 186 5.64 4.04 -8.80
C LEU D 186 6.03 3.27 -7.54
N VAL D 187 6.09 3.92 -6.37
CA VAL D 187 6.54 3.27 -5.10
C VAL D 187 5.52 2.23 -4.61
N ALA D 188 4.23 2.41 -4.91
CA ALA D 188 3.20 1.50 -4.36
C ALA D 188 3.25 0.19 -5.15
N GLU D 189 3.64 0.30 -6.42
CA GLU D 189 3.49 -0.80 -7.43
C GLU D 189 4.84 -1.45 -7.79
N GLU D 190 5.98 -0.73 -7.80
CA GLU D 190 7.29 -1.27 -8.29
C GLU D 190 8.36 -1.34 -7.19
N HIS D 191 9.21 -2.37 -7.23
CA HIS D 191 10.39 -2.54 -6.35
C HIS D 191 11.33 -1.37 -6.70
N LEU D 192 11.25 -0.28 -5.97
CA LEU D 192 12.21 0.83 -6.20
C LEU D 192 12.19 1.76 -4.99
N THR D 193 13.07 2.76 -5.03
CA THR D 193 13.23 3.81 -4.01
C THR D 193 13.36 5.15 -4.74
N VAL D 194 12.62 6.14 -4.25
CA VAL D 194 12.66 7.50 -4.83
C VAL D 194 13.73 8.21 -4.02
N ASP D 195 14.52 9.00 -4.70
CA ASP D 195 15.59 9.79 -4.06
C ASP D 195 14.95 10.92 -3.25
N ALA D 196 15.52 11.19 -2.08
CA ALA D 196 15.07 12.24 -1.14
C ALA D 196 14.99 13.62 -1.80
N ARG D 197 15.94 13.93 -2.69
N ARG D 197 15.99 13.95 -2.63
CA ARG D 197 16.03 15.26 -3.35
CA ARG D 197 16.05 15.24 -3.39
C ARG D 197 14.94 15.36 -4.43
C ARG D 197 14.82 15.30 -4.29
N VAL D 198 14.56 14.23 -5.05
CA VAL D 198 13.45 14.20 -6.04
C VAL D 198 12.12 14.40 -5.28
N TYR D 199 11.96 13.70 -4.17
CA TYR D 199 10.74 13.71 -3.35
C TYR D 199 10.59 15.08 -2.71
N SER D 200 11.68 15.68 -2.24
CA SER D 200 11.64 17.04 -1.61
C SER D 200 11.19 18.01 -2.71
N TYR D 201 11.69 17.84 -3.94
CA TYR D 201 11.30 18.67 -5.12
C TYR D 201 9.78 18.54 -5.37
N ALA D 202 9.30 17.30 -5.42
CA ALA D 202 7.88 16.98 -5.72
C ALA D 202 6.96 17.50 -4.59
N LEU D 203 7.35 17.33 -3.31
CA LEU D 203 6.60 17.91 -2.17
C LEU D 203 6.41 19.42 -2.35
N ALA D 204 7.50 20.13 -2.61
CA ALA D 204 7.50 21.60 -2.72
C ALA D 204 6.61 22.04 -3.88
N LEU D 205 6.49 21.26 -4.97
CA LEU D 205 5.59 21.67 -6.08
C LEU D 205 4.15 21.71 -5.57
N LYS D 206 3.82 20.87 -4.61
CA LYS D 206 2.47 20.87 -4.03
C LYS D 206 2.38 21.91 -2.92
N HIS D 207 3.44 22.12 -2.13
CA HIS D 207 3.46 23.09 -0.99
C HIS D 207 3.45 24.55 -1.45
N ALA D 208 3.99 24.84 -2.62
CA ALA D 208 4.06 26.21 -3.18
C ALA D 208 2.70 26.89 -3.21
N ASN D 209 2.71 28.21 -3.00
CA ASN D 209 1.52 29.13 -2.97
C ASN D 209 0.33 28.41 -2.33
MG MG E . -18.62 -12.97 -14.12
MG MG F . -18.04 -14.02 -17.40
CL CL G . -7.18 -9.39 14.62
N1 PWG H . -37.37 -18.85 7.00
C4 PWG H . -34.87 -16.30 7.45
C5 PWG H . -36.64 -17.98 7.79
C6 PWG H . -35.99 -17.73 5.68
C7 PWG H . -35.34 -17.30 4.42
N PWG H . -35.75 -17.25 6.95
C PWG H . -37.62 -18.50 10.08
C1 PWG H . -36.65 -17.71 9.19
C2 PWG H . -35.78 -16.77 9.68
C3 PWG H . -34.89 -16.06 8.80
F PWG H . -37.66 -18.02 11.31
F1 PWG H . -37.36 -19.80 10.25
F2 PWG H . -34.02 -17.40 4.57
F3 PWG H . -35.48 -16.00 4.24
F4 PWG H . -38.88 -18.53 9.65
N2 PWG H . -36.97 -18.68 5.75
C1 EDO I . -23.42 -18.40 -7.45
O1 EDO I . -24.60 -17.74 -7.02
C2 EDO I . -22.48 -17.44 -8.04
O2 EDO I . -21.73 -16.75 -7.06
C1 EDO J . -5.30 -11.08 25.61
O1 EDO J . -6.60 -10.56 25.38
C2 EDO J . -5.27 -12.02 26.78
O2 EDO J . -5.80 -13.31 26.50
MG MG K . -26.83 -17.04 12.61
MG MG L . -28.28 -15.84 16.52
N1 PWG M . -30.52 -13.15 -15.76
C4 PWG M . -27.77 -15.17 -14.60
C5 PWG M . -29.33 -13.84 -15.95
C6 PWG M . -29.92 -14.02 -13.84
C7 PWG M . -29.93 -14.30 -12.40
N PWG M . -28.94 -14.41 -14.73
C PWG M . -29.01 -13.45 -18.42
C1 PWG M . -28.51 -14.05 -17.10
C2 PWG M . -27.37 -14.78 -16.97
C3 PWG M . -27.00 -15.34 -15.71
F PWG M . -29.08 -12.14 -18.40
F1 PWG M . -30.25 -13.83 -18.78
F2 PWG M . -28.71 -13.96 -11.98
F3 PWG M . -29.98 -15.61 -12.13
F4 PWG M . -28.24 -13.77 -19.47
N2 PWG M . -30.85 -13.27 -14.50
C1 EDO N . -26.97 -12.53 5.29
O1 EDO N . -25.99 -13.40 4.77
C2 EDO N . -27.66 -11.77 4.22
O2 EDO N . -28.29 -12.65 3.29
C1 EDO O . -1.58 23.69 18.42
O1 EDO O . -0.16 23.78 18.44
C2 EDO O . -2.13 22.85 17.31
O2 EDO O . -2.55 21.59 17.75
MG MG P . 18.51 14.98 17.13
MG MG Q . 19.31 16.27 14.27
N1 PWG R . 32.74 2.12 -6.63
C4 PWG R . 31.76 5.39 -7.77
C5 PWG R . 32.58 3.07 -7.61
C6 PWG R . 31.91 3.94 -5.67
C7 PWG R . 31.41 4.80 -4.54
N PWG R . 32.04 4.26 -7.01
C PWG R . 33.41 1.77 -9.61
C1 PWG R . 32.82 3.07 -9.02
C2 PWG R . 32.54 4.18 -9.76
C3 PWG R . 32.01 5.35 -9.12
F PWG R . 34.18 1.08 -8.75
F1 PWG R . 34.21 2.01 -10.68
F2 PWG R . 31.40 4.08 -3.41
F3 PWG R . 32.27 5.82 -4.27
F4 PWG R . 32.48 0.92 -10.06
N2 PWG R . 32.35 2.64 -5.48
N1 PWG S . 29.22 9.53 15.47
C4 PWG S . 25.78 9.52 14.53
C5 PWG S . 27.89 9.66 15.73
C6 PWG S . 28.15 9.16 13.59
C7 PWG S . 28.02 8.84 12.12
N PWG S . 27.17 9.44 14.55
C PWG S . 28.03 10.18 18.16
C1 PWG S . 27.19 9.97 16.93
C2 PWG S . 25.83 10.05 16.91
C3 PWG S . 25.13 9.83 15.69
F PWG S . 28.05 11.43 18.68
F1 PWG S . 29.35 9.86 17.93
F2 PWG S . 27.57 9.94 11.48
F3 PWG S . 27.05 7.93 11.88
F4 PWG S . 27.59 9.42 19.17
N2 PWG S . 29.36 9.24 14.20
MG MG T . 24.86 8.66 -13.23
MG MG U . 26.90 9.57 -14.01
C1 EDO V . 28.07 12.69 -4.22
O1 EDO V . 27.94 11.83 -3.11
C2 EDO V . 27.06 12.42 -5.26
O2 EDO V . 25.74 12.44 -4.75
#